data_1LS2
# 
_entry.id   1LS2 
# 
_audit_conform.dict_name       mmcif_pdbx.dic 
_audit_conform.dict_version    5.386 
_audit_conform.dict_location   http://mmcif.pdb.org/dictionaries/ascii/mmcif_pdbx.dic 
# 
loop_
_database_2.database_id 
_database_2.database_code 
_database_2.pdbx_database_accession 
_database_2.pdbx_DOI 
PDB   1LS2         pdb_00001ls2 10.2210/pdb1ls2/pdb 
RCSB  RCSB016233   ?            ?                   
WWPDB D_1000016233 ?            ?                   
# 
loop_
_pdbx_audit_revision_history.ordinal 
_pdbx_audit_revision_history.data_content_type 
_pdbx_audit_revision_history.major_revision 
_pdbx_audit_revision_history.minor_revision 
_pdbx_audit_revision_history.revision_date 
1 'Structure model' 1 0 2002-06-26 
2 'Structure model' 1 1 2008-04-28 
3 'Structure model' 1 2 2011-07-13 
4 'Structure model' 1 3 2018-07-18 
5 'Structure model' 1 4 2024-02-14 
# 
_pdbx_audit_revision_details.ordinal             1 
_pdbx_audit_revision_details.revision_ordinal    1 
_pdbx_audit_revision_details.data_content_type   'Structure model' 
_pdbx_audit_revision_details.provider            repository 
_pdbx_audit_revision_details.type                'Initial release' 
_pdbx_audit_revision_details.description         ? 
_pdbx_audit_revision_details.details             ? 
# 
loop_
_pdbx_audit_revision_group.ordinal 
_pdbx_audit_revision_group.revision_ordinal 
_pdbx_audit_revision_group.data_content_type 
_pdbx_audit_revision_group.group 
1 2 'Structure model' 'Version format compliance' 
2 3 'Structure model' 'Version format compliance' 
3 4 'Structure model' 'Data collection'           
4 5 'Structure model' 'Data collection'           
5 5 'Structure model' 'Database references'       
6 5 'Structure model' 'Refinement description'    
# 
loop_
_pdbx_audit_revision_category.ordinal 
_pdbx_audit_revision_category.revision_ordinal 
_pdbx_audit_revision_category.data_content_type 
_pdbx_audit_revision_category.category 
1 4 'Structure model' em_image_scans                
2 4 'Structure model' em_software                   
3 5 'Structure model' chem_comp_atom                
4 5 'Structure model' chem_comp_bond                
5 5 'Structure model' database_2                    
6 5 'Structure model' em_3d_fitting_list            
7 5 'Structure model' pdbx_initial_refinement_model 
# 
loop_
_pdbx_audit_revision_item.ordinal 
_pdbx_audit_revision_item.revision_ordinal 
_pdbx_audit_revision_item.data_content_type 
_pdbx_audit_revision_item.item 
1 4 'Structure model' '_em_software.image_processing_id'                
2 5 'Structure model' '_database_2.pdbx_DOI'                            
3 5 'Structure model' '_database_2.pdbx_database_accession'             
4 5 'Structure model' '_em_3d_fitting_list.accession_code'              
5 5 'Structure model' '_em_3d_fitting_list.initial_refinement_model_id' 
6 5 'Structure model' '_em_3d_fitting_list.source_name'                 
7 5 'Structure model' '_em_3d_fitting_list.type'                        
# 
_pdbx_database_status.status_code                     REL 
_pdbx_database_status.entry_id                        1LS2 
_pdbx_database_status.recvd_initial_deposition_date   2002-05-16 
_pdbx_database_status.deposit_site                    RCSB 
_pdbx_database_status.process_site                    RCSB 
_pdbx_database_status.SG_entry                        . 
_pdbx_database_status.status_code_sf                  ? 
_pdbx_database_status.status_code_mr                  ? 
_pdbx_database_status.pdb_format_compatible           Y 
_pdbx_database_status.status_code_cs                  ? 
_pdbx_database_status.methods_development_category    ? 
_pdbx_database_status.status_code_nmr_data            ? 
# 
loop_
_pdbx_database_related.db_name 
_pdbx_database_related.db_id 
_pdbx_database_related.details 
_pdbx_database_related.content_type 
PDB  1EFC     '1EFC IS Intact Elongation Factor from E.coli' unspecified            
PDB  1TTT     '1TTT IS Phe-tRNA, Elongation Factor EF-Tu: GDPNP Ternary Complex' unspecified            
PDB  1EXM     
'1EXM IS THE Crystal Structure of Thermus Thermophilus Elongation Factor Tu (EF-Tu) in complex with the GTP Analog GPPNHP.' 
unspecified            
PDB  1lu3     
;1lu3 is the Separate Fitting of the Anticodon Loop Region of tRNA (nucleotide 26-42) in the Low Resolution Cryo-EM Map of an EF-Tu Ternary Complex (GDP and Kirromycin) Bound to E. coli 70S Ribosome
;
unspecified            
EMDB EMD-1045 . 'associated EM volume' 
# 
loop_
_audit_author.name 
_audit_author.pdbx_ordinal 
'Valle, M.'       1 
'Sengupta, J.'    2 
'Swami, N.K.'     3 
'Grassucci, R.A.' 4 
'Burkhardt, N.'   5 
'Nierhaus, K.H.'  6 
'Agrawal, R.K.'   7 
'Frank, J.'       8 
# 
loop_
_citation.id 
_citation.title 
_citation.journal_abbrev 
_citation.journal_volume 
_citation.page_first 
_citation.page_last 
_citation.year 
_citation.journal_id_ASTM 
_citation.country 
_citation.journal_id_ISSN 
_citation.journal_id_CSD 
_citation.book_publisher 
_citation.pdbx_database_id_PubMed 
_citation.pdbx_database_id_DOI 
primary 'Cryo-EM reveals an active role for aminoacyl-tRNA in the accommodation process.'                         'EMBO J.'   21  
3557 3567 2002 EMJODG UK 0261-4189 0897 ? 12093756 10.1093/emboj/cdf326 
1       'Crystal structure of intact elongation factor EF-Tu from E.coli in GDP conformation at 2.05A resolution' J.Mol.Biol. 285 
1245 1256 1999 JMOBAK UK 0022-2836 0070 ? ?        ?                    
2       'Crystal structure of the ternary complex of the Phe-tRNAPhe, EF-Tu, and a GTP analog'                    Science     270 
1464 1472 1995 SCIEAS US 0036-8075 0038 ? ?        ?                    
3       'Visualization of elongation factor Tu on Escherichia coli ribosome'                                      Nature      389 
403  406  1997 NATUAS UK 0028-0836 0006 ? ?        ?                    
4       'The crystal structure of elongation factor EF-Tu from Thermus aquaticus in the GTP conformation'         Structure   1   
35   50   1993 STRUE6 UK 0969-2126 2005 ? ?        ?                    
5       'Helix unwinding in the effector region of elongation factor EF-Tu-GDP'                                   Structure   4   
1141 1151 1996 STRUE6 UK 0969-2126 2005 ? ?        ?                    
# 
loop_
_citation_author.citation_id 
_citation_author.name 
_citation_author.ordinal 
_citation_author.identifier_ORCID 
primary 'Valle, M.'        1  ? 
primary 'Sengupta, J.'     2  ? 
primary 'Swami, N.K.'      3  ? 
primary 'Grassucci, R.A.'  4  ? 
primary 'Burkhardt, N.'    5  ? 
primary 'Nierhaus, K.H.'   6  ? 
primary 'Agrawal, R.K.'    7  ? 
primary 'Frank, J.'        8  ? 
1       'Song, H.'         9  ? 
1       'Parsons, M.R.'    10 ? 
1       'Rowsell, S.'      11 ? 
1       'Leonard, G.'      12 ? 
1       'Phillips, S.E.'   13 ? 
2       'Nissen, P.'       14 ? 
2       'Kjeldgaard, M.'   15 ? 
2       'Thirup, S.'       16 ? 
2       'Polekhina, G.'    17 ? 
2       'Reshetnikova, L.' 18 ? 
2       'Clark, B.F.C.'    19 ? 
2       'Nyborg, J.'       20 ? 
3       'Stark, H.'        21 ? 
3       'Rodnina, M.V.'    22 ? 
3       'Rinke-Appel, J.'  23 ? 
3       'Brimacombe, R.'   24 ? 
3       'Wintermeyer, W.'  25 ? 
3       'van Heel, M.'     26 ? 
4       'Kjeldgaard, M.'   27 ? 
4       'Nissen, P.'       28 ? 
4       'Thirup, S.'       29 ? 
4       'Nyborg, J.'       30 ? 
5       'Polekhina, G.'    31 ? 
5       'Thirup, S.'       32 ? 
5       'Kjeldgaard, M.'   33 ? 
5       'Nissen, P.'       34 ? 
5       'Lippmann, C.'     35 ? 
5       'Nyborg, J.'       36 ? 
# 
loop_
_entity.id 
_entity.type 
_entity.src_method 
_entity.pdbx_description 
_entity.formula_weight 
_entity.pdbx_number_of_molecules 
_entity.pdbx_ec 
_entity.pdbx_mutation 
_entity.pdbx_fragment 
_entity.details 
1 polymer nat 'Phenylalanine transfer RNA' 24518.570 1 ? ? ? ? 
2 polymer nat 'Elongation Factor Tu'       43239.297 1 ? ? ? ? 
# 
_entity_name_com.entity_id   2 
_entity_name_com.name        'EF-Tu, P-43' 
# 
loop_
_entity_poly.entity_id 
_entity_poly.type 
_entity_poly.nstd_linkage 
_entity_poly.nstd_monomer 
_entity_poly.pdbx_seq_one_letter_code 
_entity_poly.pdbx_seq_one_letter_code_can 
_entity_poly.pdbx_strand_id 
_entity_poly.pdbx_target_identifier 
1 polyribonucleotide no no GCGGAUUUAGCUCAGUUGGGAGAGCGCCAGACUGAAGAUCUGGAGGUCCUGUGUUCGAUCCACAGAAUUCGCACCA 
GCGGAUUUAGCUCAGUUGGGAGAGCGCCAGACUGAAGAUCUGGAGGUCCUGUGUUCGAUCCACAGAAUUCGCACCA B ? 
2 'polypeptide(L)'   no no 
;SKEKFERTKPHVNVGTIGHVDHGKTTLTAAITTVLAKTYGGAARAFDQIDNAPEEKARGITINTSHVEYDTPTRHYAHVD
CPGHADYVKNMITGAAQMDGAILVVAATDGPMPQTREHILLGRQVGVPYIIVFLNKCDMVDDEELLELVEMEVRELLSQY
DFPGDDTPIVRGSALKALEGDAEWEAKILELAGFLDSYIPEPERAIDKPFLLPIEDVFSISGRGTVVTGRVERGIIKVGE
EVEIVGIKETQKSTCTGVEMFRKLLDEGRAGENVGVLLRGIKREEIERGQVLAKPGTIKPHTKFESEVYILSKDEGGRHT
PFFKGYRPQFYFRTTDVTGTIELPEGVEMVMPGDNIKMVVTLIHPIAMDDGLRFAIREGGRTVGAGVVAKVLS
;
;SKEKFERTKPHVNVGTIGHVDHGKTTLTAAITTVLAKTYGGAARAFDQIDNAPEEKARGITINTSHVEYDTPTRHYAHVD
CPGHADYVKNMITGAAQMDGAILVVAATDGPMPQTREHILLGRQVGVPYIIVFLNKCDMVDDEELLELVEMEVRELLSQY
DFPGDDTPIVRGSALKALEGDAEWEAKILELAGFLDSYIPEPERAIDKPFLLPIEDVFSISGRGTVVTGRVERGIIKVGE
EVEIVGIKETQKSTCTGVEMFRKLLDEGRAGENVGVLLRGIKREEIERGQVLAKPGTIKPHTKFESEVYILSKDEGGRHT
PFFKGYRPQFYFRTTDVTGTIELPEGVEMVMPGDNIKMVVTLIHPIAMDDGLRFAIREGGRTVGAGVVAKVLS
;
A ? 
# 
loop_
_entity_poly_seq.entity_id 
_entity_poly_seq.num 
_entity_poly_seq.mon_id 
_entity_poly_seq.hetero 
1 1   G   n 
1 2   C   n 
1 3   G   n 
1 4   G   n 
1 5   A   n 
1 6   U   n 
1 7   U   n 
1 8   U   n 
1 9   A   n 
1 10  G   n 
1 11  C   n 
1 12  U   n 
1 13  C   n 
1 14  A   n 
1 15  G   n 
1 16  U   n 
1 17  U   n 
1 18  G   n 
1 19  G   n 
1 20  G   n 
1 21  A   n 
1 22  G   n 
1 23  A   n 
1 24  G   n 
1 25  C   n 
1 26  G   n 
1 27  C   n 
1 28  C   n 
1 29  A   n 
1 30  G   n 
1 31  A   n 
1 32  C   n 
1 33  U   n 
1 34  G   n 
1 35  A   n 
1 36  A   n 
1 37  G   n 
1 38  A   n 
1 39  U   n 
1 40  C   n 
1 41  U   n 
1 42  G   n 
1 43  G   n 
1 44  A   n 
1 45  G   n 
1 46  G   n 
1 47  U   n 
1 48  C   n 
1 49  C   n 
1 50  U   n 
1 51  G   n 
1 52  U   n 
1 53  G   n 
1 54  U   n 
1 55  U   n 
1 56  C   n 
1 57  G   n 
1 58  A   n 
1 59  U   n 
1 60  C   n 
1 61  C   n 
1 62  A   n 
1 63  C   n 
1 64  A   n 
1 65  G   n 
1 66  A   n 
1 67  A   n 
1 68  U   n 
1 69  U   n 
1 70  C   n 
1 71  G   n 
1 72  C   n 
1 73  A   n 
1 74  C   n 
1 75  C   n 
1 76  A   n 
2 1   SER n 
2 2   LYS n 
2 3   GLU n 
2 4   LYS n 
2 5   PHE n 
2 6   GLU n 
2 7   ARG n 
2 8   THR n 
2 9   LYS n 
2 10  PRO n 
2 11  HIS n 
2 12  VAL n 
2 13  ASN n 
2 14  VAL n 
2 15  GLY n 
2 16  THR n 
2 17  ILE n 
2 18  GLY n 
2 19  HIS n 
2 20  VAL n 
2 21  ASP n 
2 22  HIS n 
2 23  GLY n 
2 24  LYS n 
2 25  THR n 
2 26  THR n 
2 27  LEU n 
2 28  THR n 
2 29  ALA n 
2 30  ALA n 
2 31  ILE n 
2 32  THR n 
2 33  THR n 
2 34  VAL n 
2 35  LEU n 
2 36  ALA n 
2 37  LYS n 
2 38  THR n 
2 39  TYR n 
2 40  GLY n 
2 41  GLY n 
2 42  ALA n 
2 43  ALA n 
2 44  ARG n 
2 45  ALA n 
2 46  PHE n 
2 47  ASP n 
2 48  GLN n 
2 49  ILE n 
2 50  ASP n 
2 51  ASN n 
2 52  ALA n 
2 53  PRO n 
2 54  GLU n 
2 55  GLU n 
2 56  LYS n 
2 57  ALA n 
2 58  ARG n 
2 59  GLY n 
2 60  ILE n 
2 61  THR n 
2 62  ILE n 
2 63  ASN n 
2 64  THR n 
2 65  SER n 
2 66  HIS n 
2 67  VAL n 
2 68  GLU n 
2 69  TYR n 
2 70  ASP n 
2 71  THR n 
2 72  PRO n 
2 73  THR n 
2 74  ARG n 
2 75  HIS n 
2 76  TYR n 
2 77  ALA n 
2 78  HIS n 
2 79  VAL n 
2 80  ASP n 
2 81  CYS n 
2 82  PRO n 
2 83  GLY n 
2 84  HIS n 
2 85  ALA n 
2 86  ASP n 
2 87  TYR n 
2 88  VAL n 
2 89  LYS n 
2 90  ASN n 
2 91  MET n 
2 92  ILE n 
2 93  THR n 
2 94  GLY n 
2 95  ALA n 
2 96  ALA n 
2 97  GLN n 
2 98  MET n 
2 99  ASP n 
2 100 GLY n 
2 101 ALA n 
2 102 ILE n 
2 103 LEU n 
2 104 VAL n 
2 105 VAL n 
2 106 ALA n 
2 107 ALA n 
2 108 THR n 
2 109 ASP n 
2 110 GLY n 
2 111 PRO n 
2 112 MET n 
2 113 PRO n 
2 114 GLN n 
2 115 THR n 
2 116 ARG n 
2 117 GLU n 
2 118 HIS n 
2 119 ILE n 
2 120 LEU n 
2 121 LEU n 
2 122 GLY n 
2 123 ARG n 
2 124 GLN n 
2 125 VAL n 
2 126 GLY n 
2 127 VAL n 
2 128 PRO n 
2 129 TYR n 
2 130 ILE n 
2 131 ILE n 
2 132 VAL n 
2 133 PHE n 
2 134 LEU n 
2 135 ASN n 
2 136 LYS n 
2 137 CYS n 
2 138 ASP n 
2 139 MET n 
2 140 VAL n 
2 141 ASP n 
2 142 ASP n 
2 143 GLU n 
2 144 GLU n 
2 145 LEU n 
2 146 LEU n 
2 147 GLU n 
2 148 LEU n 
2 149 VAL n 
2 150 GLU n 
2 151 MET n 
2 152 GLU n 
2 153 VAL n 
2 154 ARG n 
2 155 GLU n 
2 156 LEU n 
2 157 LEU n 
2 158 SER n 
2 159 GLN n 
2 160 TYR n 
2 161 ASP n 
2 162 PHE n 
2 163 PRO n 
2 164 GLY n 
2 165 ASP n 
2 166 ASP n 
2 167 THR n 
2 168 PRO n 
2 169 ILE n 
2 170 VAL n 
2 171 ARG n 
2 172 GLY n 
2 173 SER n 
2 174 ALA n 
2 175 LEU n 
2 176 LYS n 
2 177 ALA n 
2 178 LEU n 
2 179 GLU n 
2 180 GLY n 
2 181 ASP n 
2 182 ALA n 
2 183 GLU n 
2 184 TRP n 
2 185 GLU n 
2 186 ALA n 
2 187 LYS n 
2 188 ILE n 
2 189 LEU n 
2 190 GLU n 
2 191 LEU n 
2 192 ALA n 
2 193 GLY n 
2 194 PHE n 
2 195 LEU n 
2 196 ASP n 
2 197 SER n 
2 198 TYR n 
2 199 ILE n 
2 200 PRO n 
2 201 GLU n 
2 202 PRO n 
2 203 GLU n 
2 204 ARG n 
2 205 ALA n 
2 206 ILE n 
2 207 ASP n 
2 208 LYS n 
2 209 PRO n 
2 210 PHE n 
2 211 LEU n 
2 212 LEU n 
2 213 PRO n 
2 214 ILE n 
2 215 GLU n 
2 216 ASP n 
2 217 VAL n 
2 218 PHE n 
2 219 SER n 
2 220 ILE n 
2 221 SER n 
2 222 GLY n 
2 223 ARG n 
2 224 GLY n 
2 225 THR n 
2 226 VAL n 
2 227 VAL n 
2 228 THR n 
2 229 GLY n 
2 230 ARG n 
2 231 VAL n 
2 232 GLU n 
2 233 ARG n 
2 234 GLY n 
2 235 ILE n 
2 236 ILE n 
2 237 LYS n 
2 238 VAL n 
2 239 GLY n 
2 240 GLU n 
2 241 GLU n 
2 242 VAL n 
2 243 GLU n 
2 244 ILE n 
2 245 VAL n 
2 246 GLY n 
2 247 ILE n 
2 248 LYS n 
2 249 GLU n 
2 250 THR n 
2 251 GLN n 
2 252 LYS n 
2 253 SER n 
2 254 THR n 
2 255 CYS n 
2 256 THR n 
2 257 GLY n 
2 258 VAL n 
2 259 GLU n 
2 260 MET n 
2 261 PHE n 
2 262 ARG n 
2 263 LYS n 
2 264 LEU n 
2 265 LEU n 
2 266 ASP n 
2 267 GLU n 
2 268 GLY n 
2 269 ARG n 
2 270 ALA n 
2 271 GLY n 
2 272 GLU n 
2 273 ASN n 
2 274 VAL n 
2 275 GLY n 
2 276 VAL n 
2 277 LEU n 
2 278 LEU n 
2 279 ARG n 
2 280 GLY n 
2 281 ILE n 
2 282 LYS n 
2 283 ARG n 
2 284 GLU n 
2 285 GLU n 
2 286 ILE n 
2 287 GLU n 
2 288 ARG n 
2 289 GLY n 
2 290 GLN n 
2 291 VAL n 
2 292 LEU n 
2 293 ALA n 
2 294 LYS n 
2 295 PRO n 
2 296 GLY n 
2 297 THR n 
2 298 ILE n 
2 299 LYS n 
2 300 PRO n 
2 301 HIS n 
2 302 THR n 
2 303 LYS n 
2 304 PHE n 
2 305 GLU n 
2 306 SER n 
2 307 GLU n 
2 308 VAL n 
2 309 TYR n 
2 310 ILE n 
2 311 LEU n 
2 312 SER n 
2 313 LYS n 
2 314 ASP n 
2 315 GLU n 
2 316 GLY n 
2 317 GLY n 
2 318 ARG n 
2 319 HIS n 
2 320 THR n 
2 321 PRO n 
2 322 PHE n 
2 323 PHE n 
2 324 LYS n 
2 325 GLY n 
2 326 TYR n 
2 327 ARG n 
2 328 PRO n 
2 329 GLN n 
2 330 PHE n 
2 331 TYR n 
2 332 PHE n 
2 333 ARG n 
2 334 THR n 
2 335 THR n 
2 336 ASP n 
2 337 VAL n 
2 338 THR n 
2 339 GLY n 
2 340 THR n 
2 341 ILE n 
2 342 GLU n 
2 343 LEU n 
2 344 PRO n 
2 345 GLU n 
2 346 GLY n 
2 347 VAL n 
2 348 GLU n 
2 349 MET n 
2 350 VAL n 
2 351 MET n 
2 352 PRO n 
2 353 GLY n 
2 354 ASP n 
2 355 ASN n 
2 356 ILE n 
2 357 LYS n 
2 358 MET n 
2 359 VAL n 
2 360 VAL n 
2 361 THR n 
2 362 LEU n 
2 363 ILE n 
2 364 HIS n 
2 365 PRO n 
2 366 ILE n 
2 367 ALA n 
2 368 MET n 
2 369 ASP n 
2 370 ASP n 
2 371 GLY n 
2 372 LEU n 
2 373 ARG n 
2 374 PHE n 
2 375 ALA n 
2 376 ILE n 
2 377 ARG n 
2 378 GLU n 
2 379 GLY n 
2 380 GLY n 
2 381 ARG n 
2 382 THR n 
2 383 VAL n 
2 384 GLY n 
2 385 ALA n 
2 386 GLY n 
2 387 VAL n 
2 388 VAL n 
2 389 ALA n 
2 390 LYS n 
2 391 VAL n 
2 392 LEU n 
2 393 SER n 
# 
loop_
_entity_src_nat.entity_id 
_entity_src_nat.pdbx_src_id 
_entity_src_nat.pdbx_alt_source_flag 
_entity_src_nat.pdbx_beg_seq_num 
_entity_src_nat.pdbx_end_seq_num 
_entity_src_nat.common_name 
_entity_src_nat.pdbx_organism_scientific 
_entity_src_nat.pdbx_ncbi_taxonomy_id 
_entity_src_nat.genus 
_entity_src_nat.species 
_entity_src_nat.strain 
_entity_src_nat.tissue 
_entity_src_nat.tissue_fraction 
_entity_src_nat.pdbx_secretion 
_entity_src_nat.pdbx_fragment 
_entity_src_nat.pdbx_variant 
_entity_src_nat.pdbx_cell_line 
_entity_src_nat.pdbx_atcc 
_entity_src_nat.pdbx_cellular_location 
_entity_src_nat.pdbx_organ 
_entity_src_nat.pdbx_organelle 
_entity_src_nat.pdbx_cell 
_entity_src_nat.pdbx_plasmid_name 
_entity_src_nat.pdbx_plasmid_details 
_entity_src_nat.details 
1 1 sample ? ? 
;baker's yeast
;
'Saccharomyces cerevisiae' 4932 Saccharomyces ? ? ? ? ? ? ? ? ? ? ? ? ? ? ? ? 
2 1 sample ? ? ?               'Escherichia coli'         562  Escherichia   ? ? ? ? ? ? ? ? ? ? ? ? ? ? ? ? 
# 
loop_
_chem_comp.id 
_chem_comp.type 
_chem_comp.mon_nstd_flag 
_chem_comp.name 
_chem_comp.pdbx_synonyms 
_chem_comp.formula 
_chem_comp.formula_weight 
A   'RNA linking'       y "ADENOSINE-5'-MONOPHOSPHATE" ? 'C10 H14 N5 O7 P' 347.221 
ALA 'L-peptide linking' y ALANINE                      ? 'C3 H7 N O2'      89.093  
ARG 'L-peptide linking' y ARGININE                     ? 'C6 H15 N4 O2 1'  175.209 
ASN 'L-peptide linking' y ASPARAGINE                   ? 'C4 H8 N2 O3'     132.118 
ASP 'L-peptide linking' y 'ASPARTIC ACID'              ? 'C4 H7 N O4'      133.103 
C   'RNA linking'       y "CYTIDINE-5'-MONOPHOSPHATE"  ? 'C9 H14 N3 O8 P'  323.197 
CYS 'L-peptide linking' y CYSTEINE                     ? 'C3 H7 N O2 S'    121.158 
G   'RNA linking'       y "GUANOSINE-5'-MONOPHOSPHATE" ? 'C10 H14 N5 O8 P' 363.221 
GLN 'L-peptide linking' y GLUTAMINE                    ? 'C5 H10 N2 O3'    146.144 
GLU 'L-peptide linking' y 'GLUTAMIC ACID'              ? 'C5 H9 N O4'      147.129 
GLY 'peptide linking'   y GLYCINE                      ? 'C2 H5 N O2'      75.067  
HIS 'L-peptide linking' y HISTIDINE                    ? 'C6 H10 N3 O2 1'  156.162 
ILE 'L-peptide linking' y ISOLEUCINE                   ? 'C6 H13 N O2'     131.173 
LEU 'L-peptide linking' y LEUCINE                      ? 'C6 H13 N O2'     131.173 
LYS 'L-peptide linking' y LYSINE                       ? 'C6 H15 N2 O2 1'  147.195 
MET 'L-peptide linking' y METHIONINE                   ? 'C5 H11 N O2 S'   149.211 
PHE 'L-peptide linking' y PHENYLALANINE                ? 'C9 H11 N O2'     165.189 
PRO 'L-peptide linking' y PROLINE                      ? 'C5 H9 N O2'      115.130 
SER 'L-peptide linking' y SERINE                       ? 'C3 H7 N O3'      105.093 
THR 'L-peptide linking' y THREONINE                    ? 'C4 H9 N O3'      119.119 
TRP 'L-peptide linking' y TRYPTOPHAN                   ? 'C11 H12 N2 O2'   204.225 
TYR 'L-peptide linking' y TYROSINE                     ? 'C9 H11 N O3'     181.189 
U   'RNA linking'       y "URIDINE-5'-MONOPHOSPHATE"   ? 'C9 H13 N2 O9 P'  324.181 
VAL 'L-peptide linking' y VALINE                       ? 'C5 H11 N O2'     117.146 
# 
loop_
_pdbx_poly_seq_scheme.asym_id 
_pdbx_poly_seq_scheme.entity_id 
_pdbx_poly_seq_scheme.seq_id 
_pdbx_poly_seq_scheme.mon_id 
_pdbx_poly_seq_scheme.ndb_seq_num 
_pdbx_poly_seq_scheme.pdb_seq_num 
_pdbx_poly_seq_scheme.auth_seq_num 
_pdbx_poly_seq_scheme.pdb_mon_id 
_pdbx_poly_seq_scheme.auth_mon_id 
_pdbx_poly_seq_scheme.pdb_strand_id 
_pdbx_poly_seq_scheme.pdb_ins_code 
_pdbx_poly_seq_scheme.hetero 
A 1 1   G   1   1   1   G   G   B . n 
A 1 2   C   2   2   2   C   C   B . n 
A 1 3   G   3   3   3   G   G   B . n 
A 1 4   G   4   4   4   G   G   B . n 
A 1 5   A   5   5   5   A   A   B . n 
A 1 6   U   6   6   6   U   U   B . n 
A 1 7   U   7   7   7   U   U   B . n 
A 1 8   U   8   8   8   U   U   B . n 
A 1 9   A   9   9   9   A   A   B . n 
A 1 10  G   10  10  10  G   G   B . n 
A 1 11  C   11  11  11  C   C   B . n 
A 1 12  U   12  12  12  U   U   B . n 
A 1 13  C   13  13  13  C   C   B . n 
A 1 14  A   14  14  14  A   A   B . n 
A 1 15  G   15  15  15  G   G   B . n 
A 1 16  U   16  16  16  U   U   B . n 
A 1 17  U   17  17  17  U   U   B . n 
A 1 18  G   18  18  18  G   G   B . n 
A 1 19  G   19  19  19  G   G   B . n 
A 1 20  G   20  20  20  G   G   B . n 
A 1 21  A   21  21  21  A   A   B . n 
A 1 22  G   22  22  22  G   G   B . n 
A 1 23  A   23  23  23  A   A   B . n 
A 1 24  G   24  24  24  G   G   B . n 
A 1 25  C   25  25  25  C   C   B . n 
A 1 26  G   26  26  26  G   G   B . n 
A 1 27  C   27  27  27  C   C   B . n 
A 1 28  C   28  28  28  C   C   B . n 
A 1 29  A   29  29  29  A   A   B . n 
A 1 30  G   30  30  30  G   G   B . n 
A 1 31  A   31  31  31  A   A   B . n 
A 1 32  C   32  32  32  C   C   B . n 
A 1 33  U   33  33  33  U   U   B . n 
A 1 34  G   34  34  34  G   G   B . n 
A 1 35  A   35  35  35  A   A   B . n 
A 1 36  A   36  36  36  A   A   B . n 
A 1 37  G   37  37  37  G   G   B . n 
A 1 38  A   38  38  38  A   A   B . n 
A 1 39  U   39  39  39  U   U   B . n 
A 1 40  C   40  40  40  C   C   B . n 
A 1 41  U   41  41  41  U   U   B . n 
A 1 42  G   42  42  42  G   G   B . n 
A 1 43  G   43  43  43  G   G   B . n 
A 1 44  A   44  44  44  A   A   B . n 
A 1 45  G   45  45  45  G   G   B . n 
A 1 46  G   46  46  46  G   G   B . n 
A 1 47  U   47  47  47  U   U   B . n 
A 1 48  C   48  48  48  C   C   B . n 
A 1 49  C   49  49  49  C   C   B . n 
A 1 50  U   50  50  50  U   U   B . n 
A 1 51  G   51  51  51  G   G   B . n 
A 1 52  U   52  52  52  U   U   B . n 
A 1 53  G   53  53  53  G   G   B . n 
A 1 54  U   54  54  54  U   U   B . n 
A 1 55  U   55  55  55  U   U   B . n 
A 1 56  C   56  56  56  C   C   B . n 
A 1 57  G   57  57  57  G   G   B . n 
A 1 58  A   58  58  58  A   A   B . n 
A 1 59  U   59  59  59  U   U   B . n 
A 1 60  C   60  60  60  C   C   B . n 
A 1 61  C   61  61  61  C   C   B . n 
A 1 62  A   62  62  62  A   A   B . n 
A 1 63  C   63  63  63  C   C   B . n 
A 1 64  A   64  64  64  A   A   B . n 
A 1 65  G   65  65  65  G   G   B . n 
A 1 66  A   66  66  66  A   A   B . n 
A 1 67  A   67  67  67  A   A   B . n 
A 1 68  U   68  68  68  U   U   B . n 
A 1 69  U   69  69  69  U   U   B . n 
A 1 70  C   70  70  70  C   C   B . n 
A 1 71  G   71  71  71  G   G   B . n 
A 1 72  C   72  72  72  C   C   B . n 
A 1 73  A   73  73  73  A   A   B . n 
A 1 74  C   74  74  74  C   C   B . n 
A 1 75  C   75  75  75  C   C   B . n 
A 1 76  A   76  76  76  A   A   B . n 
B 2 1   SER 1   1   ?   ?   ?   A . n 
B 2 2   LYS 2   2   ?   ?   ?   A . n 
B 2 3   GLU 3   3   ?   ?   ?   A . n 
B 2 4   LYS 4   4   ?   ?   ?   A . n 
B 2 5   PHE 5   5   ?   ?   ?   A . n 
B 2 6   GLU 6   6   ?   ?   ?   A . n 
B 2 7   ARG 7   7   ?   ?   ?   A . n 
B 2 8   THR 8   8   8   THR THR A . n 
B 2 9   LYS 9   9   9   LYS LYS A . n 
B 2 10  PRO 10  10  10  PRO PRO A . n 
B 2 11  HIS 11  11  11  HIS HIS A . n 
B 2 12  VAL 12  12  12  VAL VAL A . n 
B 2 13  ASN 13  13  13  ASN ASN A . n 
B 2 14  VAL 14  14  14  VAL VAL A . n 
B 2 15  GLY 15  15  15  GLY GLY A . n 
B 2 16  THR 16  16  16  THR THR A . n 
B 2 17  ILE 17  17  17  ILE ILE A . n 
B 2 18  GLY 18  18  18  GLY GLY A . n 
B 2 19  HIS 19  19  19  HIS HIS A . n 
B 2 20  VAL 20  20  20  VAL VAL A . n 
B 2 21  ASP 21  21  21  ASP ASP A . n 
B 2 22  HIS 22  22  22  HIS HIS A . n 
B 2 23  GLY 23  23  23  GLY GLY A . n 
B 2 24  LYS 24  24  24  LYS LYS A . n 
B 2 25  THR 25  25  25  THR THR A . n 
B 2 26  THR 26  26  26  THR THR A . n 
B 2 27  LEU 27  27  27  LEU LEU A . n 
B 2 28  THR 28  28  28  THR THR A . n 
B 2 29  ALA 29  29  29  ALA ALA A . n 
B 2 30  ALA 30  30  30  ALA ALA A . n 
B 2 31  ILE 31  31  31  ILE ILE A . n 
B 2 32  THR 32  32  32  THR THR A . n 
B 2 33  THR 33  33  33  THR THR A . n 
B 2 34  VAL 34  34  34  VAL VAL A . n 
B 2 35  LEU 35  35  35  LEU LEU A . n 
B 2 36  ALA 36  36  36  ALA ALA A . n 
B 2 37  LYS 37  37  37  LYS LYS A . n 
B 2 38  THR 38  38  38  THR THR A . n 
B 2 39  TYR 39  39  39  TYR TYR A . n 
B 2 40  GLY 40  40  40  GLY GLY A . n 
B 2 41  GLY 41  41  41  GLY GLY A . n 
B 2 42  ALA 42  42  42  ALA ALA A . n 
B 2 43  ALA 43  43  43  ALA ALA A . n 
B 2 44  ARG 44  44  44  ARG ARG A . n 
B 2 45  ALA 45  45  45  ALA ALA A . n 
B 2 46  PHE 46  46  46  PHE PHE A . n 
B 2 47  ASP 47  47  47  ASP ASP A . n 
B 2 48  GLN 48  48  48  GLN GLN A . n 
B 2 49  ILE 49  49  49  ILE ILE A . n 
B 2 50  ASP 50  50  50  ASP ASP A . n 
B 2 51  ASN 51  51  51  ASN ASN A . n 
B 2 52  ALA 52  52  52  ALA ALA A . n 
B 2 53  PRO 53  53  53  PRO PRO A . n 
B 2 54  GLU 54  54  54  GLU GLU A . n 
B 2 55  GLU 55  55  55  GLU GLU A . n 
B 2 56  LYS 56  56  56  LYS LYS A . n 
B 2 57  ALA 57  57  57  ALA ALA A . n 
B 2 58  ARG 58  58  58  ARG ARG A . n 
B 2 59  GLY 59  59  59  GLY GLY A . n 
B 2 60  ILE 60  60  60  ILE ILE A . n 
B 2 61  THR 61  61  61  THR THR A . n 
B 2 62  ILE 62  62  62  ILE ILE A . n 
B 2 63  ASN 63  63  63  ASN ASN A . n 
B 2 64  THR 64  64  64  THR THR A . n 
B 2 65  SER 65  65  65  SER SER A . n 
B 2 66  HIS 66  66  66  HIS HIS A . n 
B 2 67  VAL 67  67  67  VAL VAL A . n 
B 2 68  GLU 68  68  68  GLU GLU A . n 
B 2 69  TYR 69  69  69  TYR TYR A . n 
B 2 70  ASP 70  70  70  ASP ASP A . n 
B 2 71  THR 71  71  71  THR THR A . n 
B 2 72  PRO 72  72  72  PRO PRO A . n 
B 2 73  THR 73  73  73  THR THR A . n 
B 2 74  ARG 74  74  74  ARG ARG A . n 
B 2 75  HIS 75  75  75  HIS HIS A . n 
B 2 76  TYR 76  76  76  TYR TYR A . n 
B 2 77  ALA 77  77  77  ALA ALA A . n 
B 2 78  HIS 78  78  78  HIS HIS A . n 
B 2 79  VAL 79  79  79  VAL VAL A . n 
B 2 80  ASP 80  80  80  ASP ASP A . n 
B 2 81  CYS 81  81  81  CYS CYS A . n 
B 2 82  PRO 82  82  82  PRO PRO A . n 
B 2 83  GLY 83  83  83  GLY GLY A . n 
B 2 84  HIS 84  84  84  HIS HIS A . n 
B 2 85  ALA 85  85  85  ALA ALA A . n 
B 2 86  ASP 86  86  86  ASP ASP A . n 
B 2 87  TYR 87  87  87  TYR TYR A . n 
B 2 88  VAL 88  88  88  VAL VAL A . n 
B 2 89  LYS 89  89  89  LYS LYS A . n 
B 2 90  ASN 90  90  90  ASN ASN A . n 
B 2 91  MET 91  91  91  MET MET A . n 
B 2 92  ILE 92  92  92  ILE ILE A . n 
B 2 93  THR 93  93  93  THR THR A . n 
B 2 94  GLY 94  94  94  GLY GLY A . n 
B 2 95  ALA 95  95  95  ALA ALA A . n 
B 2 96  ALA 96  96  96  ALA ALA A . n 
B 2 97  GLN 97  97  97  GLN GLN A . n 
B 2 98  MET 98  98  98  MET MET A . n 
B 2 99  ASP 99  99  99  ASP ASP A . n 
B 2 100 GLY 100 100 100 GLY GLY A . n 
B 2 101 ALA 101 101 101 ALA ALA A . n 
B 2 102 ILE 102 102 102 ILE ILE A . n 
B 2 103 LEU 103 103 103 LEU LEU A . n 
B 2 104 VAL 104 104 104 VAL VAL A . n 
B 2 105 VAL 105 105 105 VAL VAL A . n 
B 2 106 ALA 106 106 106 ALA ALA A . n 
B 2 107 ALA 107 107 107 ALA ALA A . n 
B 2 108 THR 108 108 108 THR THR A . n 
B 2 109 ASP 109 109 109 ASP ASP A . n 
B 2 110 GLY 110 110 110 GLY GLY A . n 
B 2 111 PRO 111 111 111 PRO PRO A . n 
B 2 112 MET 112 112 112 MET MET A . n 
B 2 113 PRO 113 113 113 PRO PRO A . n 
B 2 114 GLN 114 114 114 GLN GLN A . n 
B 2 115 THR 115 115 115 THR THR A . n 
B 2 116 ARG 116 116 116 ARG ARG A . n 
B 2 117 GLU 117 117 117 GLU GLU A . n 
B 2 118 HIS 118 118 118 HIS HIS A . n 
B 2 119 ILE 119 119 119 ILE ILE A . n 
B 2 120 LEU 120 120 120 LEU LEU A . n 
B 2 121 LEU 121 121 121 LEU LEU A . n 
B 2 122 GLY 122 122 122 GLY GLY A . n 
B 2 123 ARG 123 123 123 ARG ARG A . n 
B 2 124 GLN 124 124 124 GLN GLN A . n 
B 2 125 VAL 125 125 125 VAL VAL A . n 
B 2 126 GLY 126 126 126 GLY GLY A . n 
B 2 127 VAL 127 127 127 VAL VAL A . n 
B 2 128 PRO 128 128 128 PRO PRO A . n 
B 2 129 TYR 129 129 129 TYR TYR A . n 
B 2 130 ILE 130 130 130 ILE ILE A . n 
B 2 131 ILE 131 131 131 ILE ILE A . n 
B 2 132 VAL 132 132 132 VAL VAL A . n 
B 2 133 PHE 133 133 133 PHE PHE A . n 
B 2 134 LEU 134 134 134 LEU LEU A . n 
B 2 135 ASN 135 135 135 ASN ASN A . n 
B 2 136 LYS 136 136 136 LYS LYS A . n 
B 2 137 CYS 137 137 137 CYS CYS A . n 
B 2 138 ASP 138 138 138 ASP ASP A . n 
B 2 139 MET 139 139 139 MET MET A . n 
B 2 140 VAL 140 140 140 VAL VAL A . n 
B 2 141 ASP 141 141 141 ASP ASP A . n 
B 2 142 ASP 142 142 142 ASP ASP A . n 
B 2 143 GLU 143 143 143 GLU GLU A . n 
B 2 144 GLU 144 144 144 GLU GLU A . n 
B 2 145 LEU 145 145 145 LEU LEU A . n 
B 2 146 LEU 146 146 146 LEU LEU A . n 
B 2 147 GLU 147 147 147 GLU GLU A . n 
B 2 148 LEU 148 148 148 LEU LEU A . n 
B 2 149 VAL 149 149 149 VAL VAL A . n 
B 2 150 GLU 150 150 150 GLU GLU A . n 
B 2 151 MET 151 151 151 MET MET A . n 
B 2 152 GLU 152 152 152 GLU GLU A . n 
B 2 153 VAL 153 153 153 VAL VAL A . n 
B 2 154 ARG 154 154 154 ARG ARG A . n 
B 2 155 GLU 155 155 155 GLU GLU A . n 
B 2 156 LEU 156 156 156 LEU LEU A . n 
B 2 157 LEU 157 157 157 LEU LEU A . n 
B 2 158 SER 158 158 158 SER SER A . n 
B 2 159 GLN 159 159 159 GLN GLN A . n 
B 2 160 TYR 160 160 160 TYR TYR A . n 
B 2 161 ASP 161 161 161 ASP ASP A . n 
B 2 162 PHE 162 162 162 PHE PHE A . n 
B 2 163 PRO 163 163 163 PRO PRO A . n 
B 2 164 GLY 164 164 164 GLY GLY A . n 
B 2 165 ASP 165 165 165 ASP ASP A . n 
B 2 166 ASP 166 166 166 ASP ASP A . n 
B 2 167 THR 167 167 167 THR THR A . n 
B 2 168 PRO 168 168 168 PRO PRO A . n 
B 2 169 ILE 169 169 169 ILE ILE A . n 
B 2 170 VAL 170 170 170 VAL VAL A . n 
B 2 171 ARG 171 171 171 ARG ARG A . n 
B 2 172 GLY 172 172 172 GLY GLY A . n 
B 2 173 SER 173 173 173 SER SER A . n 
B 2 174 ALA 174 174 174 ALA ALA A . n 
B 2 175 LEU 175 175 175 LEU LEU A . n 
B 2 176 LYS 176 176 176 LYS LYS A . n 
B 2 177 ALA 177 177 177 ALA ALA A . n 
B 2 178 LEU 178 178 178 LEU LEU A . n 
B 2 179 GLU 179 179 179 GLU GLU A . n 
B 2 180 GLY 180 180 180 GLY GLY A . n 
B 2 181 ASP 181 181 181 ASP ASP A . n 
B 2 182 ALA 182 182 182 ALA ALA A . n 
B 2 183 GLU 183 183 183 GLU GLU A . n 
B 2 184 TRP 184 184 184 TRP TRP A . n 
B 2 185 GLU 185 185 185 GLU GLU A . n 
B 2 186 ALA 186 186 186 ALA ALA A . n 
B 2 187 LYS 187 187 187 LYS LYS A . n 
B 2 188 ILE 188 188 188 ILE ILE A . n 
B 2 189 LEU 189 189 189 LEU LEU A . n 
B 2 190 GLU 190 190 190 GLU GLU A . n 
B 2 191 LEU 191 191 191 LEU LEU A . n 
B 2 192 ALA 192 192 192 ALA ALA A . n 
B 2 193 GLY 193 193 193 GLY GLY A . n 
B 2 194 PHE 194 194 194 PHE PHE A . n 
B 2 195 LEU 195 195 195 LEU LEU A . n 
B 2 196 ASP 196 196 196 ASP ASP A . n 
B 2 197 SER 197 197 197 SER SER A . n 
B 2 198 TYR 198 198 198 TYR TYR A . n 
B 2 199 ILE 199 199 199 ILE ILE A . n 
B 2 200 PRO 200 200 200 PRO PRO A . n 
B 2 201 GLU 201 201 201 GLU GLU A . n 
B 2 202 PRO 202 202 202 PRO PRO A . n 
B 2 203 GLU 203 203 203 GLU GLU A . n 
B 2 204 ARG 204 204 204 ARG ARG A . n 
B 2 205 ALA 205 205 205 ALA ALA A . n 
B 2 206 ILE 206 206 206 ILE ILE A . n 
B 2 207 ASP 207 207 207 ASP ASP A . n 
B 2 208 LYS 208 208 208 LYS LYS A . n 
B 2 209 PRO 209 209 209 PRO PRO A . n 
B 2 210 PHE 210 210 210 PHE PHE A . n 
B 2 211 LEU 211 211 211 LEU LEU A . n 
B 2 212 LEU 212 212 212 LEU LEU A . n 
B 2 213 PRO 213 213 213 PRO PRO A . n 
B 2 214 ILE 214 214 214 ILE ILE A . n 
B 2 215 GLU 215 215 215 GLU GLU A . n 
B 2 216 ASP 216 216 216 ASP ASP A . n 
B 2 217 VAL 217 217 217 VAL VAL A . n 
B 2 218 PHE 218 218 218 PHE PHE A . n 
B 2 219 SER 219 219 219 SER SER A . n 
B 2 220 ILE 220 220 220 ILE ILE A . n 
B 2 221 SER 221 221 221 SER SER A . n 
B 2 222 GLY 222 222 222 GLY GLY A . n 
B 2 223 ARG 223 223 223 ARG ARG A . n 
B 2 224 GLY 224 224 224 GLY GLY A . n 
B 2 225 THR 225 225 225 THR THR A . n 
B 2 226 VAL 226 226 226 VAL VAL A . n 
B 2 227 VAL 227 227 227 VAL VAL A . n 
B 2 228 THR 228 228 228 THR THR A . n 
B 2 229 GLY 229 229 229 GLY GLY A . n 
B 2 230 ARG 230 230 230 ARG ARG A . n 
B 2 231 VAL 231 231 231 VAL VAL A . n 
B 2 232 GLU 232 232 232 GLU GLU A . n 
B 2 233 ARG 233 233 233 ARG ARG A . n 
B 2 234 GLY 234 234 234 GLY GLY A . n 
B 2 235 ILE 235 235 235 ILE ILE A . n 
B 2 236 ILE 236 236 236 ILE ILE A . n 
B 2 237 LYS 237 237 237 LYS LYS A . n 
B 2 238 VAL 238 238 238 VAL VAL A . n 
B 2 239 GLY 239 239 239 GLY GLY A . n 
B 2 240 GLU 240 240 240 GLU GLU A . n 
B 2 241 GLU 241 241 241 GLU GLU A . n 
B 2 242 VAL 242 242 242 VAL VAL A . n 
B 2 243 GLU 243 243 243 GLU GLU A . n 
B 2 244 ILE 244 244 244 ILE ILE A . n 
B 2 245 VAL 245 245 245 VAL VAL A . n 
B 2 246 GLY 246 246 246 GLY GLY A . n 
B 2 247 ILE 247 247 247 ILE ILE A . n 
B 2 248 LYS 248 248 248 LYS LYS A . n 
B 2 249 GLU 249 249 249 GLU GLU A . n 
B 2 250 THR 250 250 250 THR THR A . n 
B 2 251 GLN 251 251 251 GLN GLN A . n 
B 2 252 LYS 252 252 252 LYS LYS A . n 
B 2 253 SER 253 253 253 SER SER A . n 
B 2 254 THR 254 254 254 THR THR A . n 
B 2 255 CYS 255 255 255 CYS CYS A . n 
B 2 256 THR 256 256 256 THR THR A . n 
B 2 257 GLY 257 257 257 GLY GLY A . n 
B 2 258 VAL 258 258 258 VAL VAL A . n 
B 2 259 GLU 259 259 259 GLU GLU A . n 
B 2 260 MET 260 260 260 MET MET A . n 
B 2 261 PHE 261 261 261 PHE PHE A . n 
B 2 262 ARG 262 262 262 ARG ARG A . n 
B 2 263 LYS 263 263 263 LYS LYS A . n 
B 2 264 LEU 264 264 264 LEU LEU A . n 
B 2 265 LEU 265 265 265 LEU LEU A . n 
B 2 266 ASP 266 266 266 ASP ASP A . n 
B 2 267 GLU 267 267 267 GLU GLU A . n 
B 2 268 GLY 268 268 268 GLY GLY A . n 
B 2 269 ARG 269 269 269 ARG ARG A . n 
B 2 270 ALA 270 270 270 ALA ALA A . n 
B 2 271 GLY 271 271 271 GLY GLY A . n 
B 2 272 GLU 272 272 272 GLU GLU A . n 
B 2 273 ASN 273 273 273 ASN ASN A . n 
B 2 274 VAL 274 274 274 VAL VAL A . n 
B 2 275 GLY 275 275 275 GLY GLY A . n 
B 2 276 VAL 276 276 276 VAL VAL A . n 
B 2 277 LEU 277 277 277 LEU LEU A . n 
B 2 278 LEU 278 278 278 LEU LEU A . n 
B 2 279 ARG 279 279 279 ARG ARG A . n 
B 2 280 GLY 280 280 280 GLY GLY A . n 
B 2 281 ILE 281 281 281 ILE ILE A . n 
B 2 282 LYS 282 282 282 LYS LYS A . n 
B 2 283 ARG 283 283 283 ARG ARG A . n 
B 2 284 GLU 284 284 284 GLU GLU A . n 
B 2 285 GLU 285 285 285 GLU GLU A . n 
B 2 286 ILE 286 286 286 ILE ILE A . n 
B 2 287 GLU 287 287 287 GLU GLU A . n 
B 2 288 ARG 288 288 288 ARG ARG A . n 
B 2 289 GLY 289 289 289 GLY GLY A . n 
B 2 290 GLN 290 290 290 GLN GLN A . n 
B 2 291 VAL 291 291 291 VAL VAL A . n 
B 2 292 LEU 292 292 292 LEU LEU A . n 
B 2 293 ALA 293 293 293 ALA ALA A . n 
B 2 294 LYS 294 294 294 LYS LYS A . n 
B 2 295 PRO 295 295 295 PRO PRO A . n 
B 2 296 GLY 296 296 296 GLY GLY A . n 
B 2 297 THR 297 297 297 THR THR A . n 
B 2 298 ILE 298 298 298 ILE ILE A . n 
B 2 299 LYS 299 299 299 LYS LYS A . n 
B 2 300 PRO 300 300 300 PRO PRO A . n 
B 2 301 HIS 301 301 301 HIS HIS A . n 
B 2 302 THR 302 302 302 THR THR A . n 
B 2 303 LYS 303 303 303 LYS LYS A . n 
B 2 304 PHE 304 304 304 PHE PHE A . n 
B 2 305 GLU 305 305 305 GLU GLU A . n 
B 2 306 SER 306 306 306 SER SER A . n 
B 2 307 GLU 307 307 307 GLU GLU A . n 
B 2 308 VAL 308 308 308 VAL VAL A . n 
B 2 309 TYR 309 309 309 TYR TYR A . n 
B 2 310 ILE 310 310 310 ILE ILE A . n 
B 2 311 LEU 311 311 311 LEU LEU A . n 
B 2 312 SER 312 312 312 SER SER A . n 
B 2 313 LYS 313 313 313 LYS LYS A . n 
B 2 314 ASP 314 314 314 ASP ASP A . n 
B 2 315 GLU 315 315 315 GLU GLU A . n 
B 2 316 GLY 316 316 316 GLY GLY A . n 
B 2 317 GLY 317 317 317 GLY GLY A . n 
B 2 318 ARG 318 318 318 ARG ARG A . n 
B 2 319 HIS 319 319 319 HIS HIS A . n 
B 2 320 THR 320 320 320 THR THR A . n 
B 2 321 PRO 321 321 321 PRO PRO A . n 
B 2 322 PHE 322 322 322 PHE PHE A . n 
B 2 323 PHE 323 323 323 PHE PHE A . n 
B 2 324 LYS 324 324 324 LYS LYS A . n 
B 2 325 GLY 325 325 325 GLY GLY A . n 
B 2 326 TYR 326 326 326 TYR TYR A . n 
B 2 327 ARG 327 327 327 ARG ARG A . n 
B 2 328 PRO 328 328 328 PRO PRO A . n 
B 2 329 GLN 329 329 329 GLN GLN A . n 
B 2 330 PHE 330 330 330 PHE PHE A . n 
B 2 331 TYR 331 331 331 TYR TYR A . n 
B 2 332 PHE 332 332 332 PHE PHE A . n 
B 2 333 ARG 333 333 333 ARG ARG A . n 
B 2 334 THR 334 334 334 THR THR A . n 
B 2 335 THR 335 335 335 THR THR A . n 
B 2 336 ASP 336 336 336 ASP ASP A . n 
B 2 337 VAL 337 337 337 VAL VAL A . n 
B 2 338 THR 338 338 338 THR THR A . n 
B 2 339 GLY 339 339 339 GLY GLY A . n 
B 2 340 THR 340 340 340 THR THR A . n 
B 2 341 ILE 341 341 341 ILE ILE A . n 
B 2 342 GLU 342 342 342 GLU GLU A . n 
B 2 343 LEU 343 343 343 LEU LEU A . n 
B 2 344 PRO 344 344 344 PRO PRO A . n 
B 2 345 GLU 345 345 345 GLU GLU A . n 
B 2 346 GLY 346 346 346 GLY GLY A . n 
B 2 347 VAL 347 347 347 VAL VAL A . n 
B 2 348 GLU 348 348 348 GLU GLU A . n 
B 2 349 MET 349 349 349 MET MET A . n 
B 2 350 VAL 350 350 350 VAL VAL A . n 
B 2 351 MET 351 351 351 MET MET A . n 
B 2 352 PRO 352 352 352 PRO PRO A . n 
B 2 353 GLY 353 353 353 GLY GLY A . n 
B 2 354 ASP 354 354 354 ASP ASP A . n 
B 2 355 ASN 355 355 355 ASN ASN A . n 
B 2 356 ILE 356 356 356 ILE ILE A . n 
B 2 357 LYS 357 357 357 LYS LYS A . n 
B 2 358 MET 358 358 358 MET MET A . n 
B 2 359 VAL 359 359 359 VAL VAL A . n 
B 2 360 VAL 360 360 360 VAL VAL A . n 
B 2 361 THR 361 361 361 THR THR A . n 
B 2 362 LEU 362 362 362 LEU LEU A . n 
B 2 363 ILE 363 363 363 ILE ILE A . n 
B 2 364 HIS 364 364 364 HIS HIS A . n 
B 2 365 PRO 365 365 365 PRO PRO A . n 
B 2 366 ILE 366 366 366 ILE ILE A . n 
B 2 367 ALA 367 367 367 ALA ALA A . n 
B 2 368 MET 368 368 368 MET MET A . n 
B 2 369 ASP 369 369 369 ASP ASP A . n 
B 2 370 ASP 370 370 370 ASP ASP A . n 
B 2 371 GLY 371 371 371 GLY GLY A . n 
B 2 372 LEU 372 372 372 LEU LEU A . n 
B 2 373 ARG 373 373 373 ARG ARG A . n 
B 2 374 PHE 374 374 374 PHE PHE A . n 
B 2 375 ALA 375 375 375 ALA ALA A . n 
B 2 376 ILE 376 376 376 ILE ILE A . n 
B 2 377 ARG 377 377 377 ARG ARG A . n 
B 2 378 GLU 378 378 378 GLU GLU A . n 
B 2 379 GLY 379 379 379 GLY GLY A . n 
B 2 380 GLY 380 380 380 GLY GLY A . n 
B 2 381 ARG 381 381 381 ARG ARG A . n 
B 2 382 THR 382 382 382 THR THR A . n 
B 2 383 VAL 383 383 383 VAL VAL A . n 
B 2 384 GLY 384 384 384 GLY GLY A . n 
B 2 385 ALA 385 385 385 ALA ALA A . n 
B 2 386 GLY 386 386 386 GLY GLY A . n 
B 2 387 VAL 387 387 387 VAL VAL A . n 
B 2 388 VAL 388 388 388 VAL VAL A . n 
B 2 389 ALA 389 389 389 ALA ALA A . n 
B 2 390 LYS 390 390 390 LYS LYS A . n 
B 2 391 VAL 391 391 391 VAL VAL A . n 
B 2 392 LEU 392 392 392 LEU LEU A . n 
B 2 393 SER 393 393 393 SER SER A . n 
# 
_software.name             O 
_software.classification   'model building' 
_software.version          . 
_software.citation_id      ? 
_software.pdbx_ordinal     1 
# 
_exptl.entry_id          1LS2 
_exptl.method            'ELECTRON MICROSCOPY' 
_exptl.crystals_number   ? 
# 
_exptl_crystal.id                    1 
_exptl_crystal.density_meas          ? 
_exptl_crystal.density_Matthews      ? 
_exptl_crystal.density_percent_sol   ? 
_exptl_crystal.description           ? 
# 
_diffrn.id                     1 
_diffrn.crystal_id             1 
_diffrn.ambient_temp           ? 
_diffrn.ambient_temp_details   ? 
# 
_refine.entry_id                                 1LS2 
_refine.ls_R_factor_all                          ? 
_refine.ls_R_factor_obs                          ? 
_refine.ls_R_factor_R_work                       ? 
_refine.ls_d_res_high                            16.8 
_refine.ls_d_res_low                             ? 
_refine.ls_number_reflns_obs                     ? 
_refine.ls_percent_reflns_obs                    ? 
_refine.ls_number_reflns_all                     ? 
_refine.pdbx_ls_sigma_F                          ? 
_refine.pdbx_ls_sigma_I                          ? 
_refine.ls_redundancy_reflns_obs                 ? 
_refine.pdbx_data_cutoff_high_absF               ? 
_refine.pdbx_data_cutoff_low_absF                ? 
_refine.ls_number_parameters                     ? 
_refine.ls_number_restraints                     ? 
_refine.ls_R_factor_R_free                       ? 
_refine.ls_number_reflns_R_free                  ? 
_refine.ls_percent_reflns_R_free                 ? 
_refine.ls_R_factor_R_free_error                 ? 
_refine.ls_R_factor_R_free_error_details         ? 
_refine.pdbx_method_to_determine_struct          ? 
_refine.pdbx_starting_model                      ? 
_refine.pdbx_isotropic_thermal_model             ? 
_refine.B_iso_mean                               ? 
_refine.aniso_B[1][1]                            ? 
_refine.aniso_B[1][2]                            ? 
_refine.aniso_B[1][3]                            ? 
_refine.aniso_B[2][2]                            ? 
_refine.aniso_B[2][3]                            ? 
_refine.aniso_B[3][3]                            ? 
_refine.pdbx_ls_cross_valid_method               ? 
_refine.pdbx_R_Free_selection_details            ? 
_refine.pdbx_stereochem_target_val_spec_case     ? 
_refine.pdbx_stereochemistry_target_values       ? 
_refine.solvent_model_details                    ? 
_refine.solvent_model_param_bsol                 ? 
_refine.solvent_model_param_ksol                 ? 
_refine.occupancy_max                            ? 
_refine.occupancy_min                            ? 
_refine.overall_SU_B                             ? 
_refine.overall_SU_ML                            ? 
_refine.pdbx_overall_ESU_R                       ? 
_refine.pdbx_overall_ESU_R_Free                  ? 
_refine.pdbx_data_cutoff_high_rms_absF           ? 
_refine.details                                  ? 
_refine.B_iso_min                                ? 
_refine.B_iso_max                                ? 
_refine.correlation_coeff_Fo_to_Fc               ? 
_refine.correlation_coeff_Fo_to_Fc_free          ? 
_refine.overall_SU_R_Cruickshank_DPI             ? 
_refine.overall_SU_R_free                        ? 
_refine.pdbx_overall_phase_error                 ? 
_refine.pdbx_solvent_vdw_probe_radii             ? 
_refine.pdbx_solvent_ion_probe_radii             ? 
_refine.pdbx_solvent_shrinkage_radii             ? 
_refine.pdbx_refine_id                           'ELECTRON MICROSCOPY' 
_refine.pdbx_diffrn_id                           1 
_refine.pdbx_TLS_residual_ADP_flag               ? 
_refine.pdbx_overall_SU_R_free_Cruickshank_DPI   ? 
_refine.pdbx_overall_SU_R_Blow_DPI               ? 
_refine.pdbx_overall_SU_R_free_Blow_DPI          ? 
# 
_refine_hist.pdbx_refine_id                   'ELECTRON MICROSCOPY' 
_refine_hist.cycle_id                         LAST 
_refine_hist.pdbx_number_atoms_protein        386 
_refine_hist.pdbx_number_atoms_nucleic_acid   76 
_refine_hist.pdbx_number_atoms_ligand         0 
_refine_hist.number_atoms_solvent             0 
_refine_hist.number_atoms_total               462 
_refine_hist.d_res_high                       16.8 
_refine_hist.d_res_low                        . 
# 
_struct.entry_id                  1LS2 
_struct.title                     
;Fitting of EF-Tu and tRNA in the Low Resolution Cryo-EM Map of an EF-Tu Ternary Complex (GDP and Kirromycin) Bound to E. coli 70S Ribosome
;
_struct.pdbx_model_details        ? 
_struct.pdbx_CASP_flag            ? 
_struct.pdbx_model_type_details   ? 
# 
_struct_keywords.entry_id        1LS2 
_struct_keywords.pdbx_keywords   TRANSLATION/RNA 
_struct_keywords.text            'EF-Tu, ternary complex, cryo-EM, 70S E.coli ribosome, TRANSLATION-RNA COMPLEX' 
# 
loop_
_struct_asym.id 
_struct_asym.pdbx_blank_PDB_chainid_flag 
_struct_asym.pdbx_modified 
_struct_asym.entity_id 
_struct_asym.details 
A N N 1 ? 
B N N 2 ? 
# 
loop_
_struct_ref.id 
_struct_ref.db_name 
_struct_ref.db_code 
_struct_ref.entity_id 
_struct_ref.pdbx_seq_one_letter_code 
_struct_ref.pdbx_align_begin 
_struct_ref.pdbx_db_accession 
_struct_ref.pdbx_db_isoform 
1 UNP EFTU_ECOLI 2 
;SKEKFERTKPHVNVGTIGHVDHGKTTLTAAITTVLAKTYGGAARAFDQIDNAPEEKARGITINTSHVEYDTPTRHYAHVD
CPGHADYVKNMITGAAQMDGAILVVAATDGPMPQTREHILLGRQVGVPYIIVFLNKCDMVDDEELLELVEMEVRELLSQY
DFPGDDTPIVRGSALKALEGDAEWEAKILELAGFLDSYIPEPERAIDKPFLLPIEDVFSISGRGTVVTGRVERGIIKVGE
EVEIVGIKETQKSTCTGVEMFRKLLDEGRAGENVGVLLRGIKREEIERGQVLAKPGTIKPHTKFESEVYILSKDEGGRHT
PFFKGYRPQFYFRTTDVTGTIELPEGVEMVMPGDNIKMVVTLIHPIAMDDGLRFAIREGGRTVGAGVVAKVLS
;
1 P0A6N1 ? 
2 PDB 1LS2       1 ? ? 1LS2   ? 
# 
loop_
_struct_ref_seq.align_id 
_struct_ref_seq.ref_id 
_struct_ref_seq.pdbx_PDB_id_code 
_struct_ref_seq.pdbx_strand_id 
_struct_ref_seq.seq_align_beg 
_struct_ref_seq.pdbx_seq_align_beg_ins_code 
_struct_ref_seq.seq_align_end 
_struct_ref_seq.pdbx_seq_align_end_ins_code 
_struct_ref_seq.pdbx_db_accession 
_struct_ref_seq.db_align_beg 
_struct_ref_seq.pdbx_db_align_beg_ins_code 
_struct_ref_seq.db_align_end 
_struct_ref_seq.pdbx_db_align_end_ins_code 
_struct_ref_seq.pdbx_auth_seq_align_beg 
_struct_ref_seq.pdbx_auth_seq_align_end 
1 1 1LS2 A 1 ? 393 ? P0A6N1 1 ? 393 ? 1 393 
2 2 1LS2 B 1 ? 76  ? 1LS2   1 ? 76  ? 1 76  
# 
_pdbx_struct_assembly.id                   1 
_pdbx_struct_assembly.details              author_defined_assembly 
_pdbx_struct_assembly.method_details       ? 
_pdbx_struct_assembly.oligomeric_details   dimeric 
_pdbx_struct_assembly.oligomeric_count     2 
# 
_pdbx_struct_assembly_gen.assembly_id       1 
_pdbx_struct_assembly_gen.oper_expression   1 
_pdbx_struct_assembly_gen.asym_id_list      A,B 
# 
_pdbx_struct_oper_list.id                   1 
_pdbx_struct_oper_list.type                 'identity operation' 
_pdbx_struct_oper_list.name                 1_555 
_pdbx_struct_oper_list.symmetry_operation   x,y,z 
_pdbx_struct_oper_list.matrix[1][1]         1.0000000000 
_pdbx_struct_oper_list.matrix[1][2]         0.0000000000 
_pdbx_struct_oper_list.matrix[1][3]         0.0000000000 
_pdbx_struct_oper_list.vector[1]            0.0000000000 
_pdbx_struct_oper_list.matrix[2][1]         0.0000000000 
_pdbx_struct_oper_list.matrix[2][2]         1.0000000000 
_pdbx_struct_oper_list.matrix[2][3]         0.0000000000 
_pdbx_struct_oper_list.vector[2]            0.0000000000 
_pdbx_struct_oper_list.matrix[3][1]         0.0000000000 
_pdbx_struct_oper_list.matrix[3][2]         0.0000000000 
_pdbx_struct_oper_list.matrix[3][3]         1.0000000000 
_pdbx_struct_oper_list.vector[3]            0.0000000000 
# 
_struct_biol.id                    1 
_struct_biol.pdbx_parent_biol_id   ? 
_struct_biol.details               ? 
# 
_em_3d_fitting.id                1 
_em_3d_fitting.entry_id          1LS2 
_em_3d_fitting.ref_protocol      OTHER 
_em_3d_fitting.ref_space         REAL 
_em_3d_fitting.overall_b_value   ? 
_em_3d_fitting.target_criteria   ? 
_em_3d_fitting.details           METHOD--Manual 
_em_3d_fitting.method            ? 
# 
loop_
_em_3d_fitting_list.3d_fitting_id 
_em_3d_fitting_list.id 
_em_3d_fitting_list.pdb_entry_id 
_em_3d_fitting_list.pdb_chain_id 
_em_3d_fitting_list.details 
_em_3d_fitting_list.initial_refinement_model_id 
_em_3d_fitting_list.chain_id 
_em_3d_fitting_list.chain_residue_range 
_em_3d_fitting_list.pdb_chain_residue_range 
_em_3d_fitting_list.source_name 
_em_3d_fitting_list.type 
_em_3d_fitting_list.accession_code 
1 1 1EFC ? ? 1 ? ? ? PDB 'experimental model' 1EFC 
1 2 1TTT ? ? 2 ? ? ? PDB 'experimental model' 1TTT 
# 
_em_3d_reconstruction.entry_id                    1LS2 
_em_3d_reconstruction.id                          1 
_em_3d_reconstruction.symmetry_type               POINT 
_em_3d_reconstruction.num_particles               7985 
_em_3d_reconstruction.image_processing_id         1 
_em_3d_reconstruction.method                      'reference based alignment' 
_em_3d_reconstruction.nominal_pixel_size          ? 
_em_3d_reconstruction.actual_pixel_size           2.69 
_em_3d_reconstruction.resolution                  16.8 
_em_3d_reconstruction.magnification_calibration   TMV 
_em_3d_reconstruction.details                     'SPIDER package' 
_em_3d_reconstruction.resolution_method           ? 
_em_3d_reconstruction.num_class_averages          ? 
_em_3d_reconstruction.algorithm                   ? 
# 
_em_buffer.id            1 
_em_buffer.specimen_id   1 
_em_buffer.name          'Hepes-KOH buffer at pH 7.5' 
_em_buffer.pH            7.5 
_em_buffer.details       'Hepes-KOH buffer at pH 7.5' 
# 
_em_entity_assembly.id                   1 
_em_entity_assembly.name                 'E. coli 70S ribosome-Ternary complex-GDP-Kirromycin' 
_em_entity_assembly.type                 RIBOSOME 
_em_entity_assembly.parent_id            0 
_em_entity_assembly.synonym              ? 
_em_entity_assembly.details              ? 
_em_entity_assembly.oligomeric_details   ? 
# 
_em_imaging.entry_id                        1LS2 
_em_imaging.id                              1 
_em_imaging.microscope_model                'FEI/PHILIPS EM420' 
_em_imaging.specimen_id                     1 
_em_imaging.date                            2001-03-01 
_em_imaging.temperature                     93 
_em_imaging.nominal_defocus_min             1000 
_em_imaging.nominal_defocus_max             3500 
_em_imaging.tilt_angle_min                  0 
_em_imaging.tilt_angle_max                  0 
_em_imaging.nominal_cs                      2 
_em_imaging.mode                            'BRIGHT FIELD' 
_em_imaging.illumination_mode               'FLOOD BEAM' 
_em_imaging.nominal_magnification           50000 
_em_imaging.calibrated_magnification        52000 
_em_imaging.electron_source                 LAB6 
_em_imaging.accelerating_voltage            100 
_em_imaging.details                         ? 
_em_imaging.specimen_holder_type            ? 
_em_imaging.specimen_holder_model           ? 
_em_imaging.citation_id                     ? 
_em_imaging.detector_distance               ? 
_em_imaging.recording_temperature_maximum   ? 
_em_imaging.recording_temperature_minimum   ? 
_em_imaging.astigmatism                     ? 
_em_imaging.electron_beam_tilt_params       ? 
# 
_em_vitrification.entry_id              1LS2 
_em_vitrification.id                    1 
_em_vitrification.instrument            'HOMEMADE PLUNGER' 
_em_vitrification.cryogen_name          ETHANE 
_em_vitrification.details               'Rapid-freezing in liquid ethane' 
_em_vitrification.citation_id           ? 
_em_vitrification.humidity              ? 
_em_vitrification.method                ? 
_em_vitrification.specimen_id           1 
_em_vitrification.temp                  ? 
_em_vitrification.time_resolved_state   ? 
# 
_em_experiment.entry_id                1LS2 
_em_experiment.id                      1 
_em_experiment.aggregation_state       PARTICLE 
_em_experiment.entity_assembly_id      1 
_em_experiment.reconstruction_method   'SINGLE PARTICLE' 
# 
_em_single_particle_entity.entry_id              1LS2 
_em_single_particle_entity.id                    1 
_em_single_particle_entity.point_symmetry        C1 
_em_single_particle_entity.image_processing_id   1 
# 
loop_
_pdbx_unobs_or_zero_occ_residues.id 
_pdbx_unobs_or_zero_occ_residues.PDB_model_num 
_pdbx_unobs_or_zero_occ_residues.polymer_flag 
_pdbx_unobs_or_zero_occ_residues.occupancy_flag 
_pdbx_unobs_or_zero_occ_residues.auth_asym_id 
_pdbx_unobs_or_zero_occ_residues.auth_comp_id 
_pdbx_unobs_or_zero_occ_residues.auth_seq_id 
_pdbx_unobs_or_zero_occ_residues.PDB_ins_code 
_pdbx_unobs_or_zero_occ_residues.label_asym_id 
_pdbx_unobs_or_zero_occ_residues.label_comp_id 
_pdbx_unobs_or_zero_occ_residues.label_seq_id 
1 1 Y 1 A SER 1 ? B SER 1 
2 1 Y 1 A LYS 2 ? B LYS 2 
3 1 Y 1 A GLU 3 ? B GLU 3 
4 1 Y 1 A LYS 4 ? B LYS 4 
5 1 Y 1 A PHE 5 ? B PHE 5 
6 1 Y 1 A GLU 6 ? B GLU 6 
7 1 Y 1 A ARG 7 ? B ARG 7 
# 
loop_
_chem_comp_atom.comp_id 
_chem_comp_atom.atom_id 
_chem_comp_atom.type_symbol 
_chem_comp_atom.pdbx_aromatic_flag 
_chem_comp_atom.pdbx_stereo_config 
_chem_comp_atom.pdbx_ordinal 
A   OP3    O N N 1   
A   P      P N N 2   
A   OP1    O N N 3   
A   OP2    O N N 4   
A   "O5'"  O N N 5   
A   "C5'"  C N N 6   
A   "C4'"  C N R 7   
A   "O4'"  O N N 8   
A   "C3'"  C N S 9   
A   "O3'"  O N N 10  
A   "C2'"  C N R 11  
A   "O2'"  O N N 12  
A   "C1'"  C N R 13  
A   N9     N Y N 14  
A   C8     C Y N 15  
A   N7     N Y N 16  
A   C5     C Y N 17  
A   C6     C Y N 18  
A   N6     N N N 19  
A   N1     N Y N 20  
A   C2     C Y N 21  
A   N3     N Y N 22  
A   C4     C Y N 23  
A   HOP3   H N N 24  
A   HOP2   H N N 25  
A   "H5'"  H N N 26  
A   "H5''" H N N 27  
A   "H4'"  H N N 28  
A   "H3'"  H N N 29  
A   "HO3'" H N N 30  
A   "H2'"  H N N 31  
A   "HO2'" H N N 32  
A   "H1'"  H N N 33  
A   H8     H N N 34  
A   H61    H N N 35  
A   H62    H N N 36  
A   H2     H N N 37  
ALA N      N N N 38  
ALA CA     C N S 39  
ALA C      C N N 40  
ALA O      O N N 41  
ALA CB     C N N 42  
ALA OXT    O N N 43  
ALA H      H N N 44  
ALA H2     H N N 45  
ALA HA     H N N 46  
ALA HB1    H N N 47  
ALA HB2    H N N 48  
ALA HB3    H N N 49  
ALA HXT    H N N 50  
ARG N      N N N 51  
ARG CA     C N S 52  
ARG C      C N N 53  
ARG O      O N N 54  
ARG CB     C N N 55  
ARG CG     C N N 56  
ARG CD     C N N 57  
ARG NE     N N N 58  
ARG CZ     C N N 59  
ARG NH1    N N N 60  
ARG NH2    N N N 61  
ARG OXT    O N N 62  
ARG H      H N N 63  
ARG H2     H N N 64  
ARG HA     H N N 65  
ARG HB2    H N N 66  
ARG HB3    H N N 67  
ARG HG2    H N N 68  
ARG HG3    H N N 69  
ARG HD2    H N N 70  
ARG HD3    H N N 71  
ARG HE     H N N 72  
ARG HH11   H N N 73  
ARG HH12   H N N 74  
ARG HH21   H N N 75  
ARG HH22   H N N 76  
ARG HXT    H N N 77  
ASN N      N N N 78  
ASN CA     C N S 79  
ASN C      C N N 80  
ASN O      O N N 81  
ASN CB     C N N 82  
ASN CG     C N N 83  
ASN OD1    O N N 84  
ASN ND2    N N N 85  
ASN OXT    O N N 86  
ASN H      H N N 87  
ASN H2     H N N 88  
ASN HA     H N N 89  
ASN HB2    H N N 90  
ASN HB3    H N N 91  
ASN HD21   H N N 92  
ASN HD22   H N N 93  
ASN HXT    H N N 94  
ASP N      N N N 95  
ASP CA     C N S 96  
ASP C      C N N 97  
ASP O      O N N 98  
ASP CB     C N N 99  
ASP CG     C N N 100 
ASP OD1    O N N 101 
ASP OD2    O N N 102 
ASP OXT    O N N 103 
ASP H      H N N 104 
ASP H2     H N N 105 
ASP HA     H N N 106 
ASP HB2    H N N 107 
ASP HB3    H N N 108 
ASP HD2    H N N 109 
ASP HXT    H N N 110 
C   OP3    O N N 111 
C   P      P N N 112 
C   OP1    O N N 113 
C   OP2    O N N 114 
C   "O5'"  O N N 115 
C   "C5'"  C N N 116 
C   "C4'"  C N R 117 
C   "O4'"  O N N 118 
C   "C3'"  C N S 119 
C   "O3'"  O N N 120 
C   "C2'"  C N R 121 
C   "O2'"  O N N 122 
C   "C1'"  C N R 123 
C   N1     N N N 124 
C   C2     C N N 125 
C   O2     O N N 126 
C   N3     N N N 127 
C   C4     C N N 128 
C   N4     N N N 129 
C   C5     C N N 130 
C   C6     C N N 131 
C   HOP3   H N N 132 
C   HOP2   H N N 133 
C   "H5'"  H N N 134 
C   "H5''" H N N 135 
C   "H4'"  H N N 136 
C   "H3'"  H N N 137 
C   "HO3'" H N N 138 
C   "H2'"  H N N 139 
C   "HO2'" H N N 140 
C   "H1'"  H N N 141 
C   H41    H N N 142 
C   H42    H N N 143 
C   H5     H N N 144 
C   H6     H N N 145 
CYS N      N N N 146 
CYS CA     C N R 147 
CYS C      C N N 148 
CYS O      O N N 149 
CYS CB     C N N 150 
CYS SG     S N N 151 
CYS OXT    O N N 152 
CYS H      H N N 153 
CYS H2     H N N 154 
CYS HA     H N N 155 
CYS HB2    H N N 156 
CYS HB3    H N N 157 
CYS HG     H N N 158 
CYS HXT    H N N 159 
G   OP3    O N N 160 
G   P      P N N 161 
G   OP1    O N N 162 
G   OP2    O N N 163 
G   "O5'"  O N N 164 
G   "C5'"  C N N 165 
G   "C4'"  C N R 166 
G   "O4'"  O N N 167 
G   "C3'"  C N S 168 
G   "O3'"  O N N 169 
G   "C2'"  C N R 170 
G   "O2'"  O N N 171 
G   "C1'"  C N R 172 
G   N9     N Y N 173 
G   C8     C Y N 174 
G   N7     N Y N 175 
G   C5     C Y N 176 
G   C6     C N N 177 
G   O6     O N N 178 
G   N1     N N N 179 
G   C2     C N N 180 
G   N2     N N N 181 
G   N3     N N N 182 
G   C4     C Y N 183 
G   HOP3   H N N 184 
G   HOP2   H N N 185 
G   "H5'"  H N N 186 
G   "H5''" H N N 187 
G   "H4'"  H N N 188 
G   "H3'"  H N N 189 
G   "HO3'" H N N 190 
G   "H2'"  H N N 191 
G   "HO2'" H N N 192 
G   "H1'"  H N N 193 
G   H8     H N N 194 
G   H1     H N N 195 
G   H21    H N N 196 
G   H22    H N N 197 
GLN N      N N N 198 
GLN CA     C N S 199 
GLN C      C N N 200 
GLN O      O N N 201 
GLN CB     C N N 202 
GLN CG     C N N 203 
GLN CD     C N N 204 
GLN OE1    O N N 205 
GLN NE2    N N N 206 
GLN OXT    O N N 207 
GLN H      H N N 208 
GLN H2     H N N 209 
GLN HA     H N N 210 
GLN HB2    H N N 211 
GLN HB3    H N N 212 
GLN HG2    H N N 213 
GLN HG3    H N N 214 
GLN HE21   H N N 215 
GLN HE22   H N N 216 
GLN HXT    H N N 217 
GLU N      N N N 218 
GLU CA     C N S 219 
GLU C      C N N 220 
GLU O      O N N 221 
GLU CB     C N N 222 
GLU CG     C N N 223 
GLU CD     C N N 224 
GLU OE1    O N N 225 
GLU OE2    O N N 226 
GLU OXT    O N N 227 
GLU H      H N N 228 
GLU H2     H N N 229 
GLU HA     H N N 230 
GLU HB2    H N N 231 
GLU HB3    H N N 232 
GLU HG2    H N N 233 
GLU HG3    H N N 234 
GLU HE2    H N N 235 
GLU HXT    H N N 236 
GLY N      N N N 237 
GLY CA     C N N 238 
GLY C      C N N 239 
GLY O      O N N 240 
GLY OXT    O N N 241 
GLY H      H N N 242 
GLY H2     H N N 243 
GLY HA2    H N N 244 
GLY HA3    H N N 245 
GLY HXT    H N N 246 
HIS N      N N N 247 
HIS CA     C N S 248 
HIS C      C N N 249 
HIS O      O N N 250 
HIS CB     C N N 251 
HIS CG     C Y N 252 
HIS ND1    N Y N 253 
HIS CD2    C Y N 254 
HIS CE1    C Y N 255 
HIS NE2    N Y N 256 
HIS OXT    O N N 257 
HIS H      H N N 258 
HIS H2     H N N 259 
HIS HA     H N N 260 
HIS HB2    H N N 261 
HIS HB3    H N N 262 
HIS HD1    H N N 263 
HIS HD2    H N N 264 
HIS HE1    H N N 265 
HIS HE2    H N N 266 
HIS HXT    H N N 267 
ILE N      N N N 268 
ILE CA     C N S 269 
ILE C      C N N 270 
ILE O      O N N 271 
ILE CB     C N S 272 
ILE CG1    C N N 273 
ILE CG2    C N N 274 
ILE CD1    C N N 275 
ILE OXT    O N N 276 
ILE H      H N N 277 
ILE H2     H N N 278 
ILE HA     H N N 279 
ILE HB     H N N 280 
ILE HG12   H N N 281 
ILE HG13   H N N 282 
ILE HG21   H N N 283 
ILE HG22   H N N 284 
ILE HG23   H N N 285 
ILE HD11   H N N 286 
ILE HD12   H N N 287 
ILE HD13   H N N 288 
ILE HXT    H N N 289 
LEU N      N N N 290 
LEU CA     C N S 291 
LEU C      C N N 292 
LEU O      O N N 293 
LEU CB     C N N 294 
LEU CG     C N N 295 
LEU CD1    C N N 296 
LEU CD2    C N N 297 
LEU OXT    O N N 298 
LEU H      H N N 299 
LEU H2     H N N 300 
LEU HA     H N N 301 
LEU HB2    H N N 302 
LEU HB3    H N N 303 
LEU HG     H N N 304 
LEU HD11   H N N 305 
LEU HD12   H N N 306 
LEU HD13   H N N 307 
LEU HD21   H N N 308 
LEU HD22   H N N 309 
LEU HD23   H N N 310 
LEU HXT    H N N 311 
LYS N      N N N 312 
LYS CA     C N S 313 
LYS C      C N N 314 
LYS O      O N N 315 
LYS CB     C N N 316 
LYS CG     C N N 317 
LYS CD     C N N 318 
LYS CE     C N N 319 
LYS NZ     N N N 320 
LYS OXT    O N N 321 
LYS H      H N N 322 
LYS H2     H N N 323 
LYS HA     H N N 324 
LYS HB2    H N N 325 
LYS HB3    H N N 326 
LYS HG2    H N N 327 
LYS HG3    H N N 328 
LYS HD2    H N N 329 
LYS HD3    H N N 330 
LYS HE2    H N N 331 
LYS HE3    H N N 332 
LYS HZ1    H N N 333 
LYS HZ2    H N N 334 
LYS HZ3    H N N 335 
LYS HXT    H N N 336 
MET N      N N N 337 
MET CA     C N S 338 
MET C      C N N 339 
MET O      O N N 340 
MET CB     C N N 341 
MET CG     C N N 342 
MET SD     S N N 343 
MET CE     C N N 344 
MET OXT    O N N 345 
MET H      H N N 346 
MET H2     H N N 347 
MET HA     H N N 348 
MET HB2    H N N 349 
MET HB3    H N N 350 
MET HG2    H N N 351 
MET HG3    H N N 352 
MET HE1    H N N 353 
MET HE2    H N N 354 
MET HE3    H N N 355 
MET HXT    H N N 356 
PHE N      N N N 357 
PHE CA     C N S 358 
PHE C      C N N 359 
PHE O      O N N 360 
PHE CB     C N N 361 
PHE CG     C Y N 362 
PHE CD1    C Y N 363 
PHE CD2    C Y N 364 
PHE CE1    C Y N 365 
PHE CE2    C Y N 366 
PHE CZ     C Y N 367 
PHE OXT    O N N 368 
PHE H      H N N 369 
PHE H2     H N N 370 
PHE HA     H N N 371 
PHE HB2    H N N 372 
PHE HB3    H N N 373 
PHE HD1    H N N 374 
PHE HD2    H N N 375 
PHE HE1    H N N 376 
PHE HE2    H N N 377 
PHE HZ     H N N 378 
PHE HXT    H N N 379 
PRO N      N N N 380 
PRO CA     C N S 381 
PRO C      C N N 382 
PRO O      O N N 383 
PRO CB     C N N 384 
PRO CG     C N N 385 
PRO CD     C N N 386 
PRO OXT    O N N 387 
PRO H      H N N 388 
PRO HA     H N N 389 
PRO HB2    H N N 390 
PRO HB3    H N N 391 
PRO HG2    H N N 392 
PRO HG3    H N N 393 
PRO HD2    H N N 394 
PRO HD3    H N N 395 
PRO HXT    H N N 396 
SER N      N N N 397 
SER CA     C N S 398 
SER C      C N N 399 
SER O      O N N 400 
SER CB     C N N 401 
SER OG     O N N 402 
SER OXT    O N N 403 
SER H      H N N 404 
SER H2     H N N 405 
SER HA     H N N 406 
SER HB2    H N N 407 
SER HB3    H N N 408 
SER HG     H N N 409 
SER HXT    H N N 410 
THR N      N N N 411 
THR CA     C N S 412 
THR C      C N N 413 
THR O      O N N 414 
THR CB     C N R 415 
THR OG1    O N N 416 
THR CG2    C N N 417 
THR OXT    O N N 418 
THR H      H N N 419 
THR H2     H N N 420 
THR HA     H N N 421 
THR HB     H N N 422 
THR HG1    H N N 423 
THR HG21   H N N 424 
THR HG22   H N N 425 
THR HG23   H N N 426 
THR HXT    H N N 427 
TRP N      N N N 428 
TRP CA     C N S 429 
TRP C      C N N 430 
TRP O      O N N 431 
TRP CB     C N N 432 
TRP CG     C Y N 433 
TRP CD1    C Y N 434 
TRP CD2    C Y N 435 
TRP NE1    N Y N 436 
TRP CE2    C Y N 437 
TRP CE3    C Y N 438 
TRP CZ2    C Y N 439 
TRP CZ3    C Y N 440 
TRP CH2    C Y N 441 
TRP OXT    O N N 442 
TRP H      H N N 443 
TRP H2     H N N 444 
TRP HA     H N N 445 
TRP HB2    H N N 446 
TRP HB3    H N N 447 
TRP HD1    H N N 448 
TRP HE1    H N N 449 
TRP HE3    H N N 450 
TRP HZ2    H N N 451 
TRP HZ3    H N N 452 
TRP HH2    H N N 453 
TRP HXT    H N N 454 
TYR N      N N N 455 
TYR CA     C N S 456 
TYR C      C N N 457 
TYR O      O N N 458 
TYR CB     C N N 459 
TYR CG     C Y N 460 
TYR CD1    C Y N 461 
TYR CD2    C Y N 462 
TYR CE1    C Y N 463 
TYR CE2    C Y N 464 
TYR CZ     C Y N 465 
TYR OH     O N N 466 
TYR OXT    O N N 467 
TYR H      H N N 468 
TYR H2     H N N 469 
TYR HA     H N N 470 
TYR HB2    H N N 471 
TYR HB3    H N N 472 
TYR HD1    H N N 473 
TYR HD2    H N N 474 
TYR HE1    H N N 475 
TYR HE2    H N N 476 
TYR HH     H N N 477 
TYR HXT    H N N 478 
U   OP3    O N N 479 
U   P      P N N 480 
U   OP1    O N N 481 
U   OP2    O N N 482 
U   "O5'"  O N N 483 
U   "C5'"  C N N 484 
U   "C4'"  C N R 485 
U   "O4'"  O N N 486 
U   "C3'"  C N S 487 
U   "O3'"  O N N 488 
U   "C2'"  C N R 489 
U   "O2'"  O N N 490 
U   "C1'"  C N R 491 
U   N1     N N N 492 
U   C2     C N N 493 
U   O2     O N N 494 
U   N3     N N N 495 
U   C4     C N N 496 
U   O4     O N N 497 
U   C5     C N N 498 
U   C6     C N N 499 
U   HOP3   H N N 500 
U   HOP2   H N N 501 
U   "H5'"  H N N 502 
U   "H5''" H N N 503 
U   "H4'"  H N N 504 
U   "H3'"  H N N 505 
U   "HO3'" H N N 506 
U   "H2'"  H N N 507 
U   "HO2'" H N N 508 
U   "H1'"  H N N 509 
U   H3     H N N 510 
U   H5     H N N 511 
U   H6     H N N 512 
VAL N      N N N 513 
VAL CA     C N S 514 
VAL C      C N N 515 
VAL O      O N N 516 
VAL CB     C N N 517 
VAL CG1    C N N 518 
VAL CG2    C N N 519 
VAL OXT    O N N 520 
VAL H      H N N 521 
VAL H2     H N N 522 
VAL HA     H N N 523 
VAL HB     H N N 524 
VAL HG11   H N N 525 
VAL HG12   H N N 526 
VAL HG13   H N N 527 
VAL HG21   H N N 528 
VAL HG22   H N N 529 
VAL HG23   H N N 530 
VAL HXT    H N N 531 
# 
loop_
_chem_comp_bond.comp_id 
_chem_comp_bond.atom_id_1 
_chem_comp_bond.atom_id_2 
_chem_comp_bond.value_order 
_chem_comp_bond.pdbx_aromatic_flag 
_chem_comp_bond.pdbx_stereo_config 
_chem_comp_bond.pdbx_ordinal 
A   OP3   P      sing N N 1   
A   OP3   HOP3   sing N N 2   
A   P     OP1    doub N N 3   
A   P     OP2    sing N N 4   
A   P     "O5'"  sing N N 5   
A   OP2   HOP2   sing N N 6   
A   "O5'" "C5'"  sing N N 7   
A   "C5'" "C4'"  sing N N 8   
A   "C5'" "H5'"  sing N N 9   
A   "C5'" "H5''" sing N N 10  
A   "C4'" "O4'"  sing N N 11  
A   "C4'" "C3'"  sing N N 12  
A   "C4'" "H4'"  sing N N 13  
A   "O4'" "C1'"  sing N N 14  
A   "C3'" "O3'"  sing N N 15  
A   "C3'" "C2'"  sing N N 16  
A   "C3'" "H3'"  sing N N 17  
A   "O3'" "HO3'" sing N N 18  
A   "C2'" "O2'"  sing N N 19  
A   "C2'" "C1'"  sing N N 20  
A   "C2'" "H2'"  sing N N 21  
A   "O2'" "HO2'" sing N N 22  
A   "C1'" N9     sing N N 23  
A   "C1'" "H1'"  sing N N 24  
A   N9    C8     sing Y N 25  
A   N9    C4     sing Y N 26  
A   C8    N7     doub Y N 27  
A   C8    H8     sing N N 28  
A   N7    C5     sing Y N 29  
A   C5    C6     sing Y N 30  
A   C5    C4     doub Y N 31  
A   C6    N6     sing N N 32  
A   C6    N1     doub Y N 33  
A   N6    H61    sing N N 34  
A   N6    H62    sing N N 35  
A   N1    C2     sing Y N 36  
A   C2    N3     doub Y N 37  
A   C2    H2     sing N N 38  
A   N3    C4     sing Y N 39  
ALA N     CA     sing N N 40  
ALA N     H      sing N N 41  
ALA N     H2     sing N N 42  
ALA CA    C      sing N N 43  
ALA CA    CB     sing N N 44  
ALA CA    HA     sing N N 45  
ALA C     O      doub N N 46  
ALA C     OXT    sing N N 47  
ALA CB    HB1    sing N N 48  
ALA CB    HB2    sing N N 49  
ALA CB    HB3    sing N N 50  
ALA OXT   HXT    sing N N 51  
ARG N     CA     sing N N 52  
ARG N     H      sing N N 53  
ARG N     H2     sing N N 54  
ARG CA    C      sing N N 55  
ARG CA    CB     sing N N 56  
ARG CA    HA     sing N N 57  
ARG C     O      doub N N 58  
ARG C     OXT    sing N N 59  
ARG CB    CG     sing N N 60  
ARG CB    HB2    sing N N 61  
ARG CB    HB3    sing N N 62  
ARG CG    CD     sing N N 63  
ARG CG    HG2    sing N N 64  
ARG CG    HG3    sing N N 65  
ARG CD    NE     sing N N 66  
ARG CD    HD2    sing N N 67  
ARG CD    HD3    sing N N 68  
ARG NE    CZ     sing N N 69  
ARG NE    HE     sing N N 70  
ARG CZ    NH1    sing N N 71  
ARG CZ    NH2    doub N N 72  
ARG NH1   HH11   sing N N 73  
ARG NH1   HH12   sing N N 74  
ARG NH2   HH21   sing N N 75  
ARG NH2   HH22   sing N N 76  
ARG OXT   HXT    sing N N 77  
ASN N     CA     sing N N 78  
ASN N     H      sing N N 79  
ASN N     H2     sing N N 80  
ASN CA    C      sing N N 81  
ASN CA    CB     sing N N 82  
ASN CA    HA     sing N N 83  
ASN C     O      doub N N 84  
ASN C     OXT    sing N N 85  
ASN CB    CG     sing N N 86  
ASN CB    HB2    sing N N 87  
ASN CB    HB3    sing N N 88  
ASN CG    OD1    doub N N 89  
ASN CG    ND2    sing N N 90  
ASN ND2   HD21   sing N N 91  
ASN ND2   HD22   sing N N 92  
ASN OXT   HXT    sing N N 93  
ASP N     CA     sing N N 94  
ASP N     H      sing N N 95  
ASP N     H2     sing N N 96  
ASP CA    C      sing N N 97  
ASP CA    CB     sing N N 98  
ASP CA    HA     sing N N 99  
ASP C     O      doub N N 100 
ASP C     OXT    sing N N 101 
ASP CB    CG     sing N N 102 
ASP CB    HB2    sing N N 103 
ASP CB    HB3    sing N N 104 
ASP CG    OD1    doub N N 105 
ASP CG    OD2    sing N N 106 
ASP OD2   HD2    sing N N 107 
ASP OXT   HXT    sing N N 108 
C   OP3   P      sing N N 109 
C   OP3   HOP3   sing N N 110 
C   P     OP1    doub N N 111 
C   P     OP2    sing N N 112 
C   P     "O5'"  sing N N 113 
C   OP2   HOP2   sing N N 114 
C   "O5'" "C5'"  sing N N 115 
C   "C5'" "C4'"  sing N N 116 
C   "C5'" "H5'"  sing N N 117 
C   "C5'" "H5''" sing N N 118 
C   "C4'" "O4'"  sing N N 119 
C   "C4'" "C3'"  sing N N 120 
C   "C4'" "H4'"  sing N N 121 
C   "O4'" "C1'"  sing N N 122 
C   "C3'" "O3'"  sing N N 123 
C   "C3'" "C2'"  sing N N 124 
C   "C3'" "H3'"  sing N N 125 
C   "O3'" "HO3'" sing N N 126 
C   "C2'" "O2'"  sing N N 127 
C   "C2'" "C1'"  sing N N 128 
C   "C2'" "H2'"  sing N N 129 
C   "O2'" "HO2'" sing N N 130 
C   "C1'" N1     sing N N 131 
C   "C1'" "H1'"  sing N N 132 
C   N1    C2     sing N N 133 
C   N1    C6     sing N N 134 
C   C2    O2     doub N N 135 
C   C2    N3     sing N N 136 
C   N3    C4     doub N N 137 
C   C4    N4     sing N N 138 
C   C4    C5     sing N N 139 
C   N4    H41    sing N N 140 
C   N4    H42    sing N N 141 
C   C5    C6     doub N N 142 
C   C5    H5     sing N N 143 
C   C6    H6     sing N N 144 
CYS N     CA     sing N N 145 
CYS N     H      sing N N 146 
CYS N     H2     sing N N 147 
CYS CA    C      sing N N 148 
CYS CA    CB     sing N N 149 
CYS CA    HA     sing N N 150 
CYS C     O      doub N N 151 
CYS C     OXT    sing N N 152 
CYS CB    SG     sing N N 153 
CYS CB    HB2    sing N N 154 
CYS CB    HB3    sing N N 155 
CYS SG    HG     sing N N 156 
CYS OXT   HXT    sing N N 157 
G   OP3   P      sing N N 158 
G   OP3   HOP3   sing N N 159 
G   P     OP1    doub N N 160 
G   P     OP2    sing N N 161 
G   P     "O5'"  sing N N 162 
G   OP2   HOP2   sing N N 163 
G   "O5'" "C5'"  sing N N 164 
G   "C5'" "C4'"  sing N N 165 
G   "C5'" "H5'"  sing N N 166 
G   "C5'" "H5''" sing N N 167 
G   "C4'" "O4'"  sing N N 168 
G   "C4'" "C3'"  sing N N 169 
G   "C4'" "H4'"  sing N N 170 
G   "O4'" "C1'"  sing N N 171 
G   "C3'" "O3'"  sing N N 172 
G   "C3'" "C2'"  sing N N 173 
G   "C3'" "H3'"  sing N N 174 
G   "O3'" "HO3'" sing N N 175 
G   "C2'" "O2'"  sing N N 176 
G   "C2'" "C1'"  sing N N 177 
G   "C2'" "H2'"  sing N N 178 
G   "O2'" "HO2'" sing N N 179 
G   "C1'" N9     sing N N 180 
G   "C1'" "H1'"  sing N N 181 
G   N9    C8     sing Y N 182 
G   N9    C4     sing Y N 183 
G   C8    N7     doub Y N 184 
G   C8    H8     sing N N 185 
G   N7    C5     sing Y N 186 
G   C5    C6     sing N N 187 
G   C5    C4     doub Y N 188 
G   C6    O6     doub N N 189 
G   C6    N1     sing N N 190 
G   N1    C2     sing N N 191 
G   N1    H1     sing N N 192 
G   C2    N2     sing N N 193 
G   C2    N3     doub N N 194 
G   N2    H21    sing N N 195 
G   N2    H22    sing N N 196 
G   N3    C4     sing N N 197 
GLN N     CA     sing N N 198 
GLN N     H      sing N N 199 
GLN N     H2     sing N N 200 
GLN CA    C      sing N N 201 
GLN CA    CB     sing N N 202 
GLN CA    HA     sing N N 203 
GLN C     O      doub N N 204 
GLN C     OXT    sing N N 205 
GLN CB    CG     sing N N 206 
GLN CB    HB2    sing N N 207 
GLN CB    HB3    sing N N 208 
GLN CG    CD     sing N N 209 
GLN CG    HG2    sing N N 210 
GLN CG    HG3    sing N N 211 
GLN CD    OE1    doub N N 212 
GLN CD    NE2    sing N N 213 
GLN NE2   HE21   sing N N 214 
GLN NE2   HE22   sing N N 215 
GLN OXT   HXT    sing N N 216 
GLU N     CA     sing N N 217 
GLU N     H      sing N N 218 
GLU N     H2     sing N N 219 
GLU CA    C      sing N N 220 
GLU CA    CB     sing N N 221 
GLU CA    HA     sing N N 222 
GLU C     O      doub N N 223 
GLU C     OXT    sing N N 224 
GLU CB    CG     sing N N 225 
GLU CB    HB2    sing N N 226 
GLU CB    HB3    sing N N 227 
GLU CG    CD     sing N N 228 
GLU CG    HG2    sing N N 229 
GLU CG    HG3    sing N N 230 
GLU CD    OE1    doub N N 231 
GLU CD    OE2    sing N N 232 
GLU OE2   HE2    sing N N 233 
GLU OXT   HXT    sing N N 234 
GLY N     CA     sing N N 235 
GLY N     H      sing N N 236 
GLY N     H2     sing N N 237 
GLY CA    C      sing N N 238 
GLY CA    HA2    sing N N 239 
GLY CA    HA3    sing N N 240 
GLY C     O      doub N N 241 
GLY C     OXT    sing N N 242 
GLY OXT   HXT    sing N N 243 
HIS N     CA     sing N N 244 
HIS N     H      sing N N 245 
HIS N     H2     sing N N 246 
HIS CA    C      sing N N 247 
HIS CA    CB     sing N N 248 
HIS CA    HA     sing N N 249 
HIS C     O      doub N N 250 
HIS C     OXT    sing N N 251 
HIS CB    CG     sing N N 252 
HIS CB    HB2    sing N N 253 
HIS CB    HB3    sing N N 254 
HIS CG    ND1    sing Y N 255 
HIS CG    CD2    doub Y N 256 
HIS ND1   CE1    doub Y N 257 
HIS ND1   HD1    sing N N 258 
HIS CD2   NE2    sing Y N 259 
HIS CD2   HD2    sing N N 260 
HIS CE1   NE2    sing Y N 261 
HIS CE1   HE1    sing N N 262 
HIS NE2   HE2    sing N N 263 
HIS OXT   HXT    sing N N 264 
ILE N     CA     sing N N 265 
ILE N     H      sing N N 266 
ILE N     H2     sing N N 267 
ILE CA    C      sing N N 268 
ILE CA    CB     sing N N 269 
ILE CA    HA     sing N N 270 
ILE C     O      doub N N 271 
ILE C     OXT    sing N N 272 
ILE CB    CG1    sing N N 273 
ILE CB    CG2    sing N N 274 
ILE CB    HB     sing N N 275 
ILE CG1   CD1    sing N N 276 
ILE CG1   HG12   sing N N 277 
ILE CG1   HG13   sing N N 278 
ILE CG2   HG21   sing N N 279 
ILE CG2   HG22   sing N N 280 
ILE CG2   HG23   sing N N 281 
ILE CD1   HD11   sing N N 282 
ILE CD1   HD12   sing N N 283 
ILE CD1   HD13   sing N N 284 
ILE OXT   HXT    sing N N 285 
LEU N     CA     sing N N 286 
LEU N     H      sing N N 287 
LEU N     H2     sing N N 288 
LEU CA    C      sing N N 289 
LEU CA    CB     sing N N 290 
LEU CA    HA     sing N N 291 
LEU C     O      doub N N 292 
LEU C     OXT    sing N N 293 
LEU CB    CG     sing N N 294 
LEU CB    HB2    sing N N 295 
LEU CB    HB3    sing N N 296 
LEU CG    CD1    sing N N 297 
LEU CG    CD2    sing N N 298 
LEU CG    HG     sing N N 299 
LEU CD1   HD11   sing N N 300 
LEU CD1   HD12   sing N N 301 
LEU CD1   HD13   sing N N 302 
LEU CD2   HD21   sing N N 303 
LEU CD2   HD22   sing N N 304 
LEU CD2   HD23   sing N N 305 
LEU OXT   HXT    sing N N 306 
LYS N     CA     sing N N 307 
LYS N     H      sing N N 308 
LYS N     H2     sing N N 309 
LYS CA    C      sing N N 310 
LYS CA    CB     sing N N 311 
LYS CA    HA     sing N N 312 
LYS C     O      doub N N 313 
LYS C     OXT    sing N N 314 
LYS CB    CG     sing N N 315 
LYS CB    HB2    sing N N 316 
LYS CB    HB3    sing N N 317 
LYS CG    CD     sing N N 318 
LYS CG    HG2    sing N N 319 
LYS CG    HG3    sing N N 320 
LYS CD    CE     sing N N 321 
LYS CD    HD2    sing N N 322 
LYS CD    HD3    sing N N 323 
LYS CE    NZ     sing N N 324 
LYS CE    HE2    sing N N 325 
LYS CE    HE3    sing N N 326 
LYS NZ    HZ1    sing N N 327 
LYS NZ    HZ2    sing N N 328 
LYS NZ    HZ3    sing N N 329 
LYS OXT   HXT    sing N N 330 
MET N     CA     sing N N 331 
MET N     H      sing N N 332 
MET N     H2     sing N N 333 
MET CA    C      sing N N 334 
MET CA    CB     sing N N 335 
MET CA    HA     sing N N 336 
MET C     O      doub N N 337 
MET C     OXT    sing N N 338 
MET CB    CG     sing N N 339 
MET CB    HB2    sing N N 340 
MET CB    HB3    sing N N 341 
MET CG    SD     sing N N 342 
MET CG    HG2    sing N N 343 
MET CG    HG3    sing N N 344 
MET SD    CE     sing N N 345 
MET CE    HE1    sing N N 346 
MET CE    HE2    sing N N 347 
MET CE    HE3    sing N N 348 
MET OXT   HXT    sing N N 349 
PHE N     CA     sing N N 350 
PHE N     H      sing N N 351 
PHE N     H2     sing N N 352 
PHE CA    C      sing N N 353 
PHE CA    CB     sing N N 354 
PHE CA    HA     sing N N 355 
PHE C     O      doub N N 356 
PHE C     OXT    sing N N 357 
PHE CB    CG     sing N N 358 
PHE CB    HB2    sing N N 359 
PHE CB    HB3    sing N N 360 
PHE CG    CD1    doub Y N 361 
PHE CG    CD2    sing Y N 362 
PHE CD1   CE1    sing Y N 363 
PHE CD1   HD1    sing N N 364 
PHE CD2   CE2    doub Y N 365 
PHE CD2   HD2    sing N N 366 
PHE CE1   CZ     doub Y N 367 
PHE CE1   HE1    sing N N 368 
PHE CE2   CZ     sing Y N 369 
PHE CE2   HE2    sing N N 370 
PHE CZ    HZ     sing N N 371 
PHE OXT   HXT    sing N N 372 
PRO N     CA     sing N N 373 
PRO N     CD     sing N N 374 
PRO N     H      sing N N 375 
PRO CA    C      sing N N 376 
PRO CA    CB     sing N N 377 
PRO CA    HA     sing N N 378 
PRO C     O      doub N N 379 
PRO C     OXT    sing N N 380 
PRO CB    CG     sing N N 381 
PRO CB    HB2    sing N N 382 
PRO CB    HB3    sing N N 383 
PRO CG    CD     sing N N 384 
PRO CG    HG2    sing N N 385 
PRO CG    HG3    sing N N 386 
PRO CD    HD2    sing N N 387 
PRO CD    HD3    sing N N 388 
PRO OXT   HXT    sing N N 389 
SER N     CA     sing N N 390 
SER N     H      sing N N 391 
SER N     H2     sing N N 392 
SER CA    C      sing N N 393 
SER CA    CB     sing N N 394 
SER CA    HA     sing N N 395 
SER C     O      doub N N 396 
SER C     OXT    sing N N 397 
SER CB    OG     sing N N 398 
SER CB    HB2    sing N N 399 
SER CB    HB3    sing N N 400 
SER OG    HG     sing N N 401 
SER OXT   HXT    sing N N 402 
THR N     CA     sing N N 403 
THR N     H      sing N N 404 
THR N     H2     sing N N 405 
THR CA    C      sing N N 406 
THR CA    CB     sing N N 407 
THR CA    HA     sing N N 408 
THR C     O      doub N N 409 
THR C     OXT    sing N N 410 
THR CB    OG1    sing N N 411 
THR CB    CG2    sing N N 412 
THR CB    HB     sing N N 413 
THR OG1   HG1    sing N N 414 
THR CG2   HG21   sing N N 415 
THR CG2   HG22   sing N N 416 
THR CG2   HG23   sing N N 417 
THR OXT   HXT    sing N N 418 
TRP N     CA     sing N N 419 
TRP N     H      sing N N 420 
TRP N     H2     sing N N 421 
TRP CA    C      sing N N 422 
TRP CA    CB     sing N N 423 
TRP CA    HA     sing N N 424 
TRP C     O      doub N N 425 
TRP C     OXT    sing N N 426 
TRP CB    CG     sing N N 427 
TRP CB    HB2    sing N N 428 
TRP CB    HB3    sing N N 429 
TRP CG    CD1    doub Y N 430 
TRP CG    CD2    sing Y N 431 
TRP CD1   NE1    sing Y N 432 
TRP CD1   HD1    sing N N 433 
TRP CD2   CE2    doub Y N 434 
TRP CD2   CE3    sing Y N 435 
TRP NE1   CE2    sing Y N 436 
TRP NE1   HE1    sing N N 437 
TRP CE2   CZ2    sing Y N 438 
TRP CE3   CZ3    doub Y N 439 
TRP CE3   HE3    sing N N 440 
TRP CZ2   CH2    doub Y N 441 
TRP CZ2   HZ2    sing N N 442 
TRP CZ3   CH2    sing Y N 443 
TRP CZ3   HZ3    sing N N 444 
TRP CH2   HH2    sing N N 445 
TRP OXT   HXT    sing N N 446 
TYR N     CA     sing N N 447 
TYR N     H      sing N N 448 
TYR N     H2     sing N N 449 
TYR CA    C      sing N N 450 
TYR CA    CB     sing N N 451 
TYR CA    HA     sing N N 452 
TYR C     O      doub N N 453 
TYR C     OXT    sing N N 454 
TYR CB    CG     sing N N 455 
TYR CB    HB2    sing N N 456 
TYR CB    HB3    sing N N 457 
TYR CG    CD1    doub Y N 458 
TYR CG    CD2    sing Y N 459 
TYR CD1   CE1    sing Y N 460 
TYR CD1   HD1    sing N N 461 
TYR CD2   CE2    doub Y N 462 
TYR CD2   HD2    sing N N 463 
TYR CE1   CZ     doub Y N 464 
TYR CE1   HE1    sing N N 465 
TYR CE2   CZ     sing Y N 466 
TYR CE2   HE2    sing N N 467 
TYR CZ    OH     sing N N 468 
TYR OH    HH     sing N N 469 
TYR OXT   HXT    sing N N 470 
U   OP3   P      sing N N 471 
U   OP3   HOP3   sing N N 472 
U   P     OP1    doub N N 473 
U   P     OP2    sing N N 474 
U   P     "O5'"  sing N N 475 
U   OP2   HOP2   sing N N 476 
U   "O5'" "C5'"  sing N N 477 
U   "C5'" "C4'"  sing N N 478 
U   "C5'" "H5'"  sing N N 479 
U   "C5'" "H5''" sing N N 480 
U   "C4'" "O4'"  sing N N 481 
U   "C4'" "C3'"  sing N N 482 
U   "C4'" "H4'"  sing N N 483 
U   "O4'" "C1'"  sing N N 484 
U   "C3'" "O3'"  sing N N 485 
U   "C3'" "C2'"  sing N N 486 
U   "C3'" "H3'"  sing N N 487 
U   "O3'" "HO3'" sing N N 488 
U   "C2'" "O2'"  sing N N 489 
U   "C2'" "C1'"  sing N N 490 
U   "C2'" "H2'"  sing N N 491 
U   "O2'" "HO2'" sing N N 492 
U   "C1'" N1     sing N N 493 
U   "C1'" "H1'"  sing N N 494 
U   N1    C2     sing N N 495 
U   N1    C6     sing N N 496 
U   C2    O2     doub N N 497 
U   C2    N3     sing N N 498 
U   N3    C4     sing N N 499 
U   N3    H3     sing N N 500 
U   C4    O4     doub N N 501 
U   C4    C5     sing N N 502 
U   C5    C6     doub N N 503 
U   C5    H5     sing N N 504 
U   C6    H6     sing N N 505 
VAL N     CA     sing N N 506 
VAL N     H      sing N N 507 
VAL N     H2     sing N N 508 
VAL CA    C      sing N N 509 
VAL CA    CB     sing N N 510 
VAL CA    HA     sing N N 511 
VAL C     O      doub N N 512 
VAL C     OXT    sing N N 513 
VAL CB    CG1    sing N N 514 
VAL CB    CG2    sing N N 515 
VAL CB    HB     sing N N 516 
VAL CG1   HG11   sing N N 517 
VAL CG1   HG12   sing N N 518 
VAL CG1   HG13   sing N N 519 
VAL CG2   HG21   sing N N 520 
VAL CG2   HG22   sing N N 521 
VAL CG2   HG23   sing N N 522 
VAL OXT   HXT    sing N N 523 
# 
_em_ctf_correction.id        1 
_em_ctf_correction.details   'CTF correction of 3D-maps' 
_em_ctf_correction.type      . 
# 
_em_image_processing.id                   1 
_em_image_processing.image_recording_id   1 
_em_image_processing.details              ? 
# 
_em_image_recording.details                       ? 
_em_image_recording.id                            1 
_em_image_recording.avg_electron_dose_per_image   10 
_em_image_recording.film_or_detector_model        'KODAK SO-163 FILM' 
_em_image_recording.imaging_id                    1 
_em_image_recording.detector_mode                 ? 
_em_image_recording.average_exposure_time         ? 
_em_image_recording.num_diffraction_images        ? 
_em_image_recording.num_grids_imaged              ? 
_em_image_recording.num_real_images               ? 
# 
loop_
_em_software.id 
_em_software.name 
_em_software.version 
_em_software.category 
_em_software.details 
_em_software.image_processing_id 
1 O      ? 'MODEL FITTING' Manual ? 
2 SPIDER ? RECONSTRUCTION  ?      1 
# 
_em_specimen.experiment_id           1 
_em_specimen.id                      1 
_em_specimen.concentration           ? 
_em_specimen.vitrification_applied   YES 
_em_specimen.staining_applied        NO 
_em_specimen.embedding_applied       NO 
_em_specimen.shadowing_applied       NO 
_em_specimen.details                 ? 
# 
loop_
_pdbx_coordinate_model.asym_id 
_pdbx_coordinate_model.type 
A 'P ATOMS ONLY'  
B 'CA ATOMS ONLY' 
# 
loop_
_pdbx_initial_refinement_model.id 
_pdbx_initial_refinement_model.type 
_pdbx_initial_refinement_model.source_name 
_pdbx_initial_refinement_model.accession_code 
1 'experimental model' PDB 1EFC 
2 'experimental model' PDB 1TTT 
# 
_atom_sites.entry_id                    1LS2 
_atom_sites.fract_transf_matrix[1][1]   1.000000 
_atom_sites.fract_transf_matrix[1][2]   0.000000 
_atom_sites.fract_transf_matrix[1][3]   0.000000 
_atom_sites.fract_transf_matrix[2][1]   0.000000 
_atom_sites.fract_transf_matrix[2][2]   1.000000 
_atom_sites.fract_transf_matrix[2][3]   0.000000 
_atom_sites.fract_transf_matrix[3][1]   0.000000 
_atom_sites.fract_transf_matrix[3][2]   0.000000 
_atom_sites.fract_transf_matrix[3][3]   1.000000 
_atom_sites.fract_transf_vector[1]      0.00000 
_atom_sites.fract_transf_vector[2]      0.00000 
_atom_sites.fract_transf_vector[3]      0.00000 
# 
loop_
_atom_type.symbol 
C 
P 
# 
loop_
_atom_site.group_PDB 
_atom_site.id 
_atom_site.type_symbol 
_atom_site.label_atom_id 
_atom_site.label_alt_id 
_atom_site.label_comp_id 
_atom_site.label_asym_id 
_atom_site.label_entity_id 
_atom_site.label_seq_id 
_atom_site.pdbx_PDB_ins_code 
_atom_site.Cartn_x 
_atom_site.Cartn_y 
_atom_site.Cartn_z 
_atom_site.occupancy 
_atom_site.B_iso_or_equiv 
_atom_site.pdbx_formal_charge 
_atom_site.auth_seq_id 
_atom_site.auth_comp_id 
_atom_site.auth_asym_id 
_atom_site.auth_atom_id 
_atom_site.pdbx_PDB_model_num 
ATOM 1   P P  . G   A 1 1   ? -8.777  1.905   11.803  1.00 0.00  ? 1   G   B P  1 
ATOM 2   P P  . C   A 1 2   ? -5.923  4.160   16.348  1.00 0.00  ? 2   C   B P  1 
ATOM 3   P P  . G   A 1 3   ? -6.130  7.482   21.343  1.00 0.00  ? 3   G   B P  1 
ATOM 4   P P  . G   A 1 4   ? -10.100 10.118  25.125  1.00 0.00  ? 4   G   B P  1 
ATOM 5   P P  . A   A 1 5   ? -15.737 12.076  26.905  1.00 0.00  ? 5   A   B P  1 
ATOM 6   P P  . U   A 1 6   ? -21.680 12.742  27.019  1.00 0.00  ? 6   U   B P  1 
ATOM 7   P P  . U   A 1 7   ? -26.742 9.888   25.866  1.00 0.00  ? 7   U   B P  1 
ATOM 8   P P  . U   A 1 8   ? -30.275 5.220   23.058  1.00 0.00  ? 8   U   B P  1 
ATOM 9   P P  . A   A 1 9   ? -35.957 4.950   24.354  1.00 0.00  ? 9   A   B P  1 
ATOM 10  P P  . G   A 1 10  ? -40.968 1.223   23.333  1.00 0.00  ? 10  G   B P  1 
ATOM 11  P P  . C   A 1 11  ? -39.017 4.658   19.268  1.00 0.00  ? 11  C   B P  1 
ATOM 12  P P  . U   A 1 12  ? -36.082 9.562   19.040  1.00 0.00  ? 12  U   B P  1 
ATOM 13  P P  . C   A 1 13  ? -32.320 12.852  22.691  1.00 0.00  ? 13  C   B P  1 
ATOM 14  P P  . A   A 1 14  ? -30.054 13.244  29.512  1.00 0.00  ? 14  A   B P  1 
ATOM 15  P P  . G   A 1 15  ? -28.940 12.971  34.799  1.00 0.00  ? 15  G   B P  1 
ATOM 16  P P  . U   A 1 16  ? -27.162 7.967   38.143  1.00 0.00  ? 16  U   B P  1 
ATOM 17  P P  . U   A 1 17  ? -25.354 10.384  44.299  1.00 0.00  ? 17  U   B P  1 
ATOM 18  P P  . G   A 1 18  ? -22.561 5.047   43.355  1.00 0.00  ? 18  G   B P  1 
ATOM 19  P P  . G   A 1 19  ? -27.541 2.473   43.383  1.00 0.00  ? 19  G   B P  1 
ATOM 20  P P  . G   A 1 20  ? -33.072 -1.587  42.484  1.00 0.00  ? 20  G   B P  1 
ATOM 21  P P  . A   A 1 21  ? -38.026 -0.653  40.562  1.00 0.00  ? 21  A   B P  1 
ATOM 22  P P  . G   A 1 22  ? -40.215 3.056   37.049  1.00 0.00  ? 22  G   B P  1 
ATOM 23  P P  . A   A 1 23  ? -43.237 8.346   36.286  1.00 0.00  ? 23  A   B P  1 
ATOM 24  P P  . G   A 1 24  ? -45.177 13.746  33.753  1.00 0.00  ? 24  G   B P  1 
ATOM 25  P P  . C   A 1 25  ? -46.597 17.083  28.968  1.00 0.00  ? 25  C   B P  1 
ATOM 26  P P  . G   A 1 26  ? -48.721 16.109  23.608  1.00 0.00  ? 26  G   B P  1 
ATOM 27  P P  . C   A 1 27  ? -51.794 11.987  20.407  1.00 0.00  ? 27  C   B P  1 
ATOM 28  P P  . C   A 1 28  ? -55.207 7.342   20.631  1.00 0.00  ? 28  C   B P  1 
ATOM 29  P P  . A   A 1 29  ? -59.376 4.789   23.714  1.00 0.00  ? 29  A   B P  1 
ATOM 30  P P  . G   A 1 30  ? -63.372 5.467   28.019  1.00 0.00  ? 30  G   B P  1 
ATOM 31  P P  . A   A 1 31  ? -66.203 8.964   32.046  1.00 0.00  ? 31  A   B P  1 
ATOM 32  P P  . C   A 1 32  ? -67.658 14.296  34.298  1.00 0.00  ? 32  C   B P  1 
ATOM 33  P P  . U   A 1 33  ? -68.787 19.485  33.211  1.00 0.00  ? 33  U   B P  1 
ATOM 34  P P  . G   A 1 34  ? -71.448 21.091  29.230  1.00 0.00  ? 34  G   B P  1 
ATOM 35  P P  . A   A 1 35  ? -70.968 15.763  28.144  1.00 0.00  ? 35  A   B P  1 
ATOM 36  P P  . A   A 1 36  ? -66.620 13.904  23.816  1.00 0.00  ? 36  A   B P  1 
ATOM 37  P P  . G   A 1 37  ? -62.279 15.502  21.259  1.00 0.00  ? 37  G   B P  1 
ATOM 38  P P  . A   A 1 38  ? -58.239 17.368  24.529  1.00 0.00  ? 38  A   B P  1 
ATOM 39  P P  . U   A 1 39  ? -53.766 19.450  28.415  1.00 0.00  ? 39  U   B P  1 
ATOM 40  P P  . C   A 1 40  ? -52.660 19.613  34.099  1.00 0.00  ? 40  C   B P  1 
ATOM 41  P P  . U   A 1 41  ? -53.687 15.984  38.435  1.00 0.00  ? 41  U   B P  1 
ATOM 42  P P  . G   A 1 42  ? -53.460 10.342  39.572  1.00 0.00  ? 42  G   B P  1 
ATOM 43  P P  . G   A 1 43  ? -51.982 4.596   37.912  1.00 0.00  ? 43  G   B P  1 
ATOM 44  P P  . A   A 1 44  ? -49.720 0.236   34.328  1.00 0.00  ? 44  A   B P  1 
ATOM 45  P P  . G   A 1 45  ? -46.484 -1.978  29.671  1.00 0.00  ? 45  G   B P  1 
ATOM 46  P P  . G   A 1 46  ? -42.634 -1.640  26.584  1.00 0.00  ? 46  G   B P  1 
ATOM 47  P P  . U   A 1 47  ? -36.836 -3.454  25.752  1.00 0.00  ? 47  U   B P  1 
ATOM 48  P P  . C   A 1 48  ? -30.796 -4.040  29.221  1.00 0.00  ? 48  C   B P  1 
ATOM 49  P P  . C   A 1 49  ? -28.536 2.345   27.047  1.00 0.00  ? 49  C   B P  1 
ATOM 50  P P  . U   A 1 50  ? -28.323 -3.163  25.477  1.00 0.00  ? 50  U   B P  1 
ATOM 51  P P  . G   A 1 51  ? -26.749 -8.845  26.699  1.00 0.00  ? 51  G   B P  1 
ATOM 52  P P  . U   A 1 52  ? -22.965 -12.672 29.972  1.00 0.00  ? 52  U   B P  1 
ATOM 53  P P  . G   A 1 53  ? -18.281 -13.602 33.983  1.00 0.00  ? 53  G   B P  1 
ATOM 54  P P  . U   A 1 54  ? -15.040 -11.637 38.605  1.00 0.00  ? 54  U   B P  1 
ATOM 55  P P  . U   A 1 55  ? -14.803 -9.139  42.934  1.00 0.00  ? 55  U   B P  1 
ATOM 56  P P  . C   A 1 56  ? -19.207 -11.029 46.096  1.00 0.00  ? 56  C   B P  1 
ATOM 57  P P  . G   A 1 57  ? -24.115 -11.247 42.731  1.00 0.00  ? 57  G   B P  1 
ATOM 58  P P  . A   A 1 58  ? -26.866 -7.468  39.165  1.00 0.00  ? 58  A   B P  1 
ATOM 59  P P  . U   A 1 59  ? -28.417 -2.450  35.849  1.00 0.00  ? 59  U   B P  1 
ATOM 60  P P  . C   A 1 60  ? -24.047 0.017   33.731  1.00 0.00  ? 60  C   B P  1 
ATOM 61  P P  . C   A 1 61  ? -20.537 5.377   36.102  1.00 0.00  ? 61  C   B P  1 
ATOM 62  P P  . A   A 1 62  ? -15.103 3.426   34.569  1.00 0.00  ? 62  A   B P  1 
ATOM 63  P P  . C   A 1 63  ? -11.278 1.705   30.854  1.00 0.00  ? 63  C   B P  1 
ATOM 64  P P  . A   A 1 64  ? -11.152 0.279   25.138  1.00 0.00  ? 64  A   B P  1 
ATOM 65  P P  . G   A 1 65  ? -11.289 -0.786  19.770  1.00 0.00  ? 65  G   B P  1 
ATOM 66  P P  . A   A 1 66  ? -16.439 -0.268  14.892  1.00 0.00  ? 66  A   B P  1 
ATOM 67  P P  . A   A 1 67  ? -22.878 -1.589  14.626  1.00 0.00  ? 67  A   B P  1 
ATOM 68  P P  . U   A 1 68  ? -24.541 4.853   12.644  1.00 0.00  ? 68  U   B P  1 
ATOM 69  P P  . U   A 1 69  ? -24.571 10.621  12.479  1.00 0.00  ? 69  U   B P  1 
ATOM 70  P P  . C   A 1 70  ? -21.297 15.692  12.525  1.00 0.00  ? 70  C   B P  1 
ATOM 71  P P  . G   A 1 71  ? -16.265 19.374  12.618  1.00 0.00  ? 71  G   B P  1 
ATOM 72  P P  . C   A 1 72  ? -10.291 20.982  12.606  1.00 0.00  ? 72  C   B P  1 
ATOM 73  P P  . A   A 1 73  ? -4.770  19.462  11.436  1.00 0.00  ? 73  A   B P  1 
ATOM 74  P P  . C   A 1 74  ? -4.424  16.136  6.194   1.00 0.00  ? 74  C   B P  1 
ATOM 75  P P  . C   A 1 75  ? -2.333  12.401  -0.308  1.00 0.00  ? 75  C   B P  1 
ATOM 76  P P  . A   A 1 76  ? -4.279  13.285  -5.844  1.00 0.00  ? 76  A   B P  1 
ATOM 77  C CA . THR B 2 8   ? 7.010   -0.961  -17.819 1.00 51.02 ? 8   THR A CA 1 
ATOM 78  C CA . LYS B 2 9   ? 7.630   -3.097  -14.791 1.00 42.21 ? 9   LYS A CA 1 
ATOM 79  C CA . PRO B 2 10  ? 6.115   -5.452  -12.097 1.00 34.35 ? 10  PRO A CA 1 
ATOM 80  C CA . HIS B 2 11  ? 3.880   -4.484  -9.107  1.00 27.15 ? 11  HIS A CA 1 
ATOM 81  C CA . VAL B 2 12  ? 4.674   -4.425  -5.352  1.00 17.56 ? 12  VAL A CA 1 
ATOM 82  C CA . ASN B 2 13  ? 2.763   -3.118  -2.282  1.00 16.87 ? 13  ASN A CA 1 
ATOM 83  C CA . VAL B 2 14  ? 5.090   -1.720  0.436   1.00 11.83 ? 14  VAL A CA 1 
ATOM 84  C CA . GLY B 2 15  ? 4.900   0.553   3.486   1.00 14.98 ? 15  GLY A CA 1 
ATOM 85  C CA . THR B 2 16  ? 6.509   1.356   6.843   1.00 16.15 ? 16  THR A CA 1 
ATOM 86  C CA . ILE B 2 17  ? 6.180   -0.319  10.262  1.00 14.01 ? 17  ILE A CA 1 
ATOM 87  C CA . GLY B 2 18  ? 8.199   0.194   13.499  1.00 12.75 ? 18  GLY A CA 1 
ATOM 88  C CA . HIS B 2 19  ? 8.002   1.768   16.997  1.00 14.80 ? 19  HIS A CA 1 
ATOM 89  C CA . VAL B 2 20  ? 7.290   5.487   17.653  1.00 14.85 ? 20  VAL A CA 1 
ATOM 90  C CA . ASP B 2 21  ? 10.114  7.893   16.672  1.00 17.40 ? 21  ASP A CA 1 
ATOM 91  C CA . HIS B 2 22  ? 12.141  5.082   15.000  1.00 12.18 ? 22  HIS A CA 1 
ATOM 92  C CA . GLY B 2 23  ? 11.876  7.295   11.881  1.00 12.70 ? 23  GLY A CA 1 
ATOM 93  C CA . LYS B 2 24  ? 9.250   5.585   9.682   1.00 10.50 ? 24  LYS A CA 1 
ATOM 94  C CA . THR B 2 25  ? 8.180   8.787   7.931   1.00 11.10 ? 25  THR A CA 1 
ATOM 95  C CA . THR B 2 26  ? 11.806  10.020  8.210   1.00 12.42 ? 26  THR A CA 1 
ATOM 96  C CA . LEU B 2 27  ? 12.891  6.901   6.279   1.00 11.77 ? 27  LEU A CA 1 
ATOM 97  C CA . THR B 2 28  ? 10.072  7.580   3.799   1.00 12.29 ? 28  THR A CA 1 
ATOM 98  C CA . ALA B 2 29  ? 11.392  11.141  3.286   1.00 13.04 ? 29  ALA A CA 1 
ATOM 99  C CA . ALA B 2 30  ? 14.968  9.781   3.022   1.00 13.36 ? 30  ALA A CA 1 
ATOM 100 C CA . ILE B 2 31  ? 13.915  7.217   0.360   1.00 14.23 ? 31  ILE A CA 1 
ATOM 101 C CA . THR B 2 32  ? 12.332  9.961   -1.775  1.00 16.23 ? 32  THR A CA 1 
ATOM 102 C CA . THR B 2 33  ? 15.299  12.335  -1.255  1.00 16.97 ? 33  THR A CA 1 
ATOM 103 C CA . VAL B 2 34  ? 17.955  9.742   -2.145  1.00 15.44 ? 34  VAL A CA 1 
ATOM 104 C CA . LEU B 2 35  ? 16.114  8.392   -5.178  1.00 16.74 ? 35  LEU A CA 1 
ATOM 105 C CA . ALA B 2 36  ? 15.246  11.935  -6.355  1.00 21.61 ? 36  ALA A CA 1 
ATOM 106 C CA . LYS B 2 37  ? 18.979  12.682  -6.726  1.00 29.00 ? 37  LYS A CA 1 
ATOM 107 C CA . THR B 2 38  ? 20.010  9.146   -7.802  1.00 26.87 ? 38  THR A CA 1 
ATOM 108 C CA . TYR B 2 39  ? 17.382  8.432   -10.503 1.00 26.54 ? 39  TYR A CA 1 
ATOM 109 C CA . GLY B 2 40  ? 14.703  11.142  -10.453 1.00 28.18 ? 40  GLY A CA 1 
ATOM 110 C CA . GLY B 2 41  ? 11.270  11.917  -8.995  1.00 29.31 ? 41  GLY A CA 1 
ATOM 111 C CA . ALA B 2 42  ? 11.005  14.569  -6.248  1.00 27.81 ? 42  ALA A CA 1 
ATOM 112 C CA . ALA B 2 43  ? 12.179  14.760  -2.597  1.00 23.69 ? 43  ALA A CA 1 
ATOM 113 C CA . ARG B 2 44  ? 9.675   14.869  0.310   1.00 25.65 ? 44  ARG A CA 1 
ATOM 114 C CA . ALA B 2 45  ? 10.083  16.498  3.709   1.00 22.48 ? 45  ALA A CA 1 
ATOM 115 C CA . PHE B 2 46  ? 8.829   14.781  6.900   1.00 20.83 ? 46  PHE A CA 1 
ATOM 116 C CA . ASP B 2 47  ? 5.957   17.042  8.009   1.00 26.51 ? 47  ASP A CA 1 
ATOM 117 C CA . GLN B 2 48  ? 3.944   16.834  4.761   1.00 25.91 ? 48  GLN A CA 1 
ATOM 118 C CA . ILE B 2 49  ? 3.765   13.033  5.202   1.00 17.46 ? 49  ILE A CA 1 
ATOM 119 C CA . ASP B 2 50  ? 3.627   12.784  9.025   1.00 19.13 ? 50  ASP A CA 1 
ATOM 120 C CA . ASN B 2 51  ? 0.753   15.308  9.299   1.00 19.65 ? 51  ASN A CA 1 
ATOM 121 C CA . ALA B 2 52  ? -1.180  12.537  7.554   1.00 22.67 ? 52  ALA A CA 1 
ATOM 122 C CA . PRO B 2 53  ? -4.857  13.409  5.619   1.00 24.84 ? 53  PRO A CA 1 
ATOM 123 C CA . GLU B 2 54  ? -7.921  11.178  6.216   1.00 36.36 ? 54  GLU A CA 1 
ATOM 124 C CA . GLU B 2 55  ? -9.217  8.512   3.790   1.00 47.68 ? 55  GLU A CA 1 
ATOM 125 C CA . LYS B 2 56  ? -12.860 7.480   4.069   1.00 58.45 ? 56  LYS A CA 1 
ATOM 126 C CA . ALA B 2 57  ? -11.783 3.827   3.707   1.00 65.31 ? 57  ALA A CA 1 
ATOM 127 C CA . ARG B 2 58  ? -13.780 0.776   4.885   1.00 66.76 ? 58  ARG A CA 1 
ATOM 128 C CA . GLY B 2 59  ? -16.255 3.525   5.903   1.00 61.24 ? 59  GLY A CA 1 
ATOM 129 C CA . ILE B 2 60  ? -13.703 4.483   8.583   1.00 52.25 ? 60  ILE A CA 1 
ATOM 130 C CA . THR B 2 61  ? -11.660 7.686   8.886   1.00 41.95 ? 61  THR A CA 1 
ATOM 131 C CA . ILE B 2 62  ? -8.128  6.276   8.292   1.00 28.97 ? 62  ILE A CA 1 
ATOM 132 C CA . ASN B 2 63  ? -4.752  8.101   8.272   1.00 23.26 ? 63  ASN A CA 1 
ATOM 133 C CA . THR B 2 64  ? -2.583  6.851   5.353   1.00 24.16 ? 64  THR A CA 1 
ATOM 134 C CA . SER B 2 65  ? -0.186  9.125   3.430   1.00 22.02 ? 65  SER A CA 1 
ATOM 135 C CA . HIS B 2 66  ? 0.832   7.963   -0.081  1.00 22.93 ? 66  HIS A CA 1 
ATOM 136 C CA . VAL B 2 67  ? 4.235   8.832   -1.650  1.00 21.90 ? 67  VAL A CA 1 
ATOM 137 C CA . GLU B 2 68  ? 6.342   8.208   -4.824  1.00 23.47 ? 68  GLU A CA 1 
ATOM 138 C CA . TYR B 2 69  ? 10.008  7.377   -5.590  1.00 18.99 ? 69  TYR A CA 1 
ATOM 139 C CA . ASP B 2 70  ? 12.117  6.018   -8.463  1.00 18.56 ? 70  ASP A CA 1 
ATOM 140 C CA . THR B 2 71  ? 14.085  2.761   -8.998  1.00 16.19 ? 71  THR A CA 1 
ATOM 141 C CA . PRO B 2 72  ? 14.303  1.167   -12.513 1.00 18.68 ? 72  PRO A CA 1 
ATOM 142 C CA . THR B 2 73  ? 12.908  -2.230  -11.443 1.00 18.92 ? 73  THR A CA 1 
ATOM 143 C CA . ARG B 2 74  ? 9.180   -2.426  -10.448 1.00 20.56 ? 74  ARG A CA 1 
ATOM 144 C CA . HIS B 2 75  ? 6.468   -0.155  -8.960  1.00 18.53 ? 75  HIS A CA 1 
ATOM 145 C CA . TYR B 2 76  ? 6.202   0.375   -5.186  1.00 15.35 ? 76  TYR A CA 1 
ATOM 146 C CA . ALA B 2 77  ? 2.671   1.256   -4.126  1.00 15.25 ? 77  ALA A CA 1 
ATOM 147 C CA . HIS B 2 78  ? 4.000   2.781   -0.854  1.00 13.46 ? 78  HIS A CA 1 
ATOM 148 C CA . VAL B 2 79  ? 1.980   3.711   2.264   1.00 16.49 ? 79  VAL A CA 1 
ATOM 149 C CA . ASP B 2 80  ? 2.995   5.582   5.485   1.00 15.74 ? 80  ASP A CA 1 
ATOM 150 C CA . CYS B 2 81  ? 1.130   6.724   8.658   1.00 19.70 ? 81  CYS A CA 1 
ATOM 151 C CA . PRO B 2 82  ? 1.938   9.210   11.522  1.00 19.36 ? 82  PRO A CA 1 
ATOM 152 C CA . GLY B 2 83  ? 3.103   6.629   14.098  1.00 20.51 ? 83  GLY A CA 1 
ATOM 153 C CA . HIS B 2 84  ? 2.665   3.091   15.593  1.00 22.61 ? 84  HIS A CA 1 
ATOM 154 C CA . ALA B 2 85  ? -0.992  3.185   16.672  1.00 21.82 ? 85  ALA A CA 1 
ATOM 155 C CA . ASP B 2 86  ? -2.186  4.317   13.240  1.00 20.47 ? 86  ASP A CA 1 
ATOM 156 C CA . TYR B 2 87  ? -0.426  1.395   11.495  1.00 17.70 ? 87  TYR A CA 1 
ATOM 157 C CA . VAL B 2 88  ? -1.825  -1.075  14.079  1.00 22.09 ? 88  VAL A CA 1 
ATOM 158 C CA . LYS B 2 89  ? -5.505  -0.417  13.466  1.00 24.21 ? 89  LYS A CA 1 
ATOM 159 C CA . ASN B 2 90  ? -4.933  0.498   9.772   1.00 29.79 ? 90  ASN A CA 1 
ATOM 160 C CA . MET B 2 91  ? -3.577  -3.054  9.294   1.00 30.23 ? 91  MET A CA 1 
ATOM 161 C CA . ILE B 2 92  ? -6.305  -4.678  11.460  1.00 37.13 ? 92  ILE A CA 1 
ATOM 162 C CA . THR B 2 93  ? -9.039  -2.984  9.407   1.00 45.01 ? 93  THR A CA 1 
ATOM 163 C CA . GLY B 2 94  ? -6.988  -3.409  6.203   1.00 51.74 ? 94  GLY A CA 1 
ATOM 164 C CA . ALA B 2 95  ? -6.193  -0.128  4.482   1.00 55.34 ? 95  ALA A CA 1 
ATOM 165 C CA . ALA B 2 96  ? -2.539  -1.159  4.108   1.00 55.70 ? 96  ALA A CA 1 
ATOM 166 C CA . GLN B 2 97  ? -1.732  -4.548  2.467   1.00 50.18 ? 97  GLN A CA 1 
ATOM 167 C CA . MET B 2 98  ? 2.079   -4.652  2.267   1.00 30.91 ? 98  MET A CA 1 
ATOM 168 C CA . ASP B 2 99  ? 3.833   -7.272  0.113   1.00 20.14 ? 99  ASP A CA 1 
ATOM 169 C CA . GLY B 2 100 ? 7.229   -5.921  1.258   1.00 13.86 ? 100 GLY A CA 1 
ATOM 170 C CA . ALA B 2 101 ? 6.894   -4.258  4.681   1.00 13.63 ? 101 ALA A CA 1 
ATOM 171 C CA . ILE B 2 102 ? 9.711   -1.892  5.767   1.00 11.24 ? 102 ILE A CA 1 
ATOM 172 C CA . LEU B 2 103 ? 10.481  -2.562  9.459   1.00 9.58  ? 103 LEU A CA 1 
ATOM 173 C CA . VAL B 2 104 ? 12.207  0.553   10.835  1.00 8.77  ? 104 VAL A CA 1 
ATOM 174 C CA . VAL B 2 105 ? 14.028  -0.364  14.079  1.00 11.20 ? 105 VAL A CA 1 
ATOM 175 C CA . ALA B 2 106 ? 16.038  2.316   15.934  1.00 14.13 ? 106 ALA A CA 1 
ATOM 176 C CA . ALA B 2 107 ? 19.426  0.882   17.014  1.00 17.01 ? 107 ALA A CA 1 
ATOM 177 C CA . THR B 2 108 ? 19.126  3.102   20.128  1.00 20.81 ? 108 THR A CA 1 
ATOM 178 C CA . ASP B 2 109 ? 16.113  0.954   21.173  1.00 24.28 ? 109 ASP A CA 1 
ATOM 179 C CA . GLY B 2 110 ? 16.155  -2.421  19.451  1.00 18.72 ? 110 GLY A CA 1 
ATOM 180 C CA . PRO B 2 111 ? 12.743  -4.016  18.724  1.00 16.67 ? 111 PRO A CA 1 
ATOM 181 C CA . MET B 2 112 ? 9.937   -2.931  21.097  1.00 16.06 ? 112 MET A CA 1 
ATOM 182 C CA . PRO B 2 113 ? 6.354   -4.122  21.948  1.00 16.96 ? 113 PRO A CA 1 
ATOM 183 C CA . GLN B 2 114 ? 5.175   -1.893  19.068  1.00 14.76 ? 114 GLN A CA 1 
ATOM 184 C CA . THR B 2 115 ? 7.605   -3.653  16.681  1.00 12.58 ? 115 THR A CA 1 
ATOM 185 C CA . ARG B 2 116 ? 6.425   -7.029  18.034  1.00 14.99 ? 116 ARG A CA 1 
ATOM 186 C CA . GLU B 2 117 ? 2.803   -5.935  17.541  1.00 16.61 ? 117 GLU A CA 1 
ATOM 187 C CA . HIS B 2 118 ? 3.502   -4.704  13.985  1.00 12.18 ? 118 HIS A CA 1 
ATOM 188 C CA . ILE B 2 119 ? 5.147   -8.036  13.007  1.00 10.91 ? 119 ILE A CA 1 
ATOM 189 C CA . LEU B 2 120 ? 2.292   -10.022 14.647  1.00 14.78 ? 120 LEU A CA 1 
ATOM 190 C CA . LEU B 2 121 ? -0.336  -7.900  12.865  1.00 18.02 ? 121 LEU A CA 1 
ATOM 191 C CA . GLY B 2 122 ? 1.871   -8.252  9.750   1.00 16.05 ? 122 GLY A CA 1 
ATOM 192 C CA . ARG B 2 123 ? 1.273   -12.012 9.566   1.00 22.63 ? 123 ARG A CA 1 
ATOM 193 C CA . GLN B 2 124 ? -2.409  -11.488 10.556  1.00 21.33 ? 124 GLN A CA 1 
ATOM 194 C CA . VAL B 2 125 ? -3.201  -8.962  7.767   1.00 20.92 ? 125 VAL A CA 1 
ATOM 195 C CA . GLY B 2 126 ? -1.134  -11.153 5.418   1.00 19.49 ? 126 GLY A CA 1 
ATOM 196 C CA . VAL B 2 127 ? 2.295   -9.620  4.839   1.00 17.92 ? 127 VAL A CA 1 
ATOM 197 C CA . PRO B 2 128 ? 4.485   -12.214 3.013   1.00 17.02 ? 128 PRO A CA 1 
ATOM 198 C CA . TYR B 2 129 ? 7.825   -10.304 3.096   1.00 13.39 ? 129 TYR A CA 1 
ATOM 199 C CA . ILE B 2 130 ? 9.466   -7.856  5.510   1.00 11.96 ? 130 ILE A CA 1 
ATOM 200 C CA . ILE B 2 131 ? 12.811  -6.053  5.035   1.00 12.69 ? 131 ILE A CA 1 
ATOM 201 C CA . VAL B 2 132 ? 14.476  -4.289  7.987   1.00 10.80 ? 132 VAL A CA 1 
ATOM 202 C CA . PHE B 2 133 ? 16.022  -0.815  8.256   1.00 10.86 ? 133 PHE A CA 1 
ATOM 203 C CA . LEU B 2 134 ? 18.093  -0.879  11.457  1.00 13.81 ? 134 LEU A CA 1 
ATOM 204 C CA . ASN B 2 135 ? 18.163  2.923   11.836  1.00 15.80 ? 135 ASN A CA 1 
ATOM 205 C CA . LYS B 2 136 ? 20.410  5.432   13.694  1.00 13.38 ? 136 LYS A CA 1 
ATOM 206 C CA . CYS B 2 137 ? 23.617  3.410   13.062  1.00 17.05 ? 137 CYS A CA 1 
ATOM 207 C CA . ASP B 2 138 ? 25.398  6.747   12.523  1.00 20.69 ? 138 ASP A CA 1 
ATOM 208 C CA . MET B 2 139 ? 25.055  7.167   16.301  1.00 27.92 ? 139 MET A CA 1 
ATOM 209 C CA . VAL B 2 140 ? 24.981  3.503   17.357  1.00 36.54 ? 140 VAL A CA 1 
ATOM 210 C CA . ASP B 2 141 ? 27.961  2.580   15.124  1.00 44.86 ? 141 ASP A CA 1 
ATOM 211 C CA . ASP B 2 142 ? 28.798  -0.348  17.474  1.00 40.35 ? 142 ASP A CA 1 
ATOM 212 C CA . GLU B 2 143 ? 28.835  -3.331  15.107  1.00 36.25 ? 143 GLU A CA 1 
ATOM 213 C CA . GLU B 2 144 ? 28.467  -5.853  17.968  1.00 29.20 ? 144 GLU A CA 1 
ATOM 214 C CA . LEU B 2 145 ? 25.500  -3.980  19.508  1.00 22.32 ? 145 LEU A CA 1 
ATOM 215 C CA . LEU B 2 146 ? 23.979  -3.768  16.013  1.00 20.08 ? 146 LEU A CA 1 
ATOM 216 C CA . GLU B 2 147 ? 24.619  -7.527  15.646  1.00 24.40 ? 147 GLU A CA 1 
ATOM 217 C CA . LEU B 2 148 ? 22.726  -8.190  18.906  1.00 24.06 ? 148 LEU A CA 1 
ATOM 218 C CA . VAL B 2 149 ? 19.846  -6.037  17.592  1.00 19.31 ? 149 VAL A CA 1 
ATOM 219 C CA . GLU B 2 150 ? 19.961  -7.994  14.295  1.00 19.66 ? 150 GLU A CA 1 
ATOM 220 C CA . MET B 2 151 ? 19.812  -11.307 16.227  1.00 21.93 ? 151 MET A CA 1 
ATOM 221 C CA . GLU B 2 152 ? 16.882  -9.957  18.307  1.00 19.44 ? 152 GLU A CA 1 
ATOM 222 C CA . VAL B 2 153 ? 14.934  -8.798  15.219  1.00 11.20 ? 153 VAL A CA 1 
ATOM 223 C CA . ARG B 2 154 ? 15.686  -12.069 13.357  1.00 12.09 ? 154 ARG A CA 1 
ATOM 224 C CA . GLU B 2 155 ? 14.485  -14.041 16.404  1.00 16.10 ? 155 GLU A CA 1 
ATOM 225 C CA . LEU B 2 156 ? 11.319  -11.886 16.604  1.00 11.49 ? 156 LEU A CA 1 
ATOM 226 C CA . LEU B 2 157 ? 10.689  -12.443 12.874  1.00 8.54  ? 157 LEU A CA 1 
ATOM 227 C CA . SER B 2 158 ? 11.295  -16.202 13.329  1.00 12.41 ? 158 SER A CA 1 
ATOM 228 C CA . GLN B 2 159 ? 8.896   -16.258 16.323  1.00 17.28 ? 159 GLN A CA 1 
ATOM 229 C CA . TYR B 2 160 ? 6.162   -14.960 13.974  1.00 14.65 ? 160 TYR A CA 1 
ATOM 230 C CA . ASP B 2 161 ? 7.281   -17.393 11.245  1.00 14.22 ? 161 ASP A CA 1 
ATOM 231 C CA . PHE B 2 162 ? 9.003   -14.876 8.950   1.00 13.74 ? 162 PHE A CA 1 
ATOM 232 C CA . PRO B 2 163 ? 12.381  -16.121 7.573   1.00 10.49 ? 163 PRO A CA 1 
ATOM 233 C CA . GLY B 2 164 ? 14.417  -13.880 9.954   1.00 12.82 ? 164 GLY A CA 1 
ATOM 234 C CA . ASP B 2 165 ? 17.630  -15.826 9.217   1.00 17.36 ? 165 ASP A CA 1 
ATOM 235 C CA . ASP B 2 166 ? 17.214  -14.821 5.532   1.00 20.13 ? 166 ASP A CA 1 
ATOM 236 C CA . THR B 2 167 ? 15.684  -11.351 5.995   1.00 13.96 ? 167 THR A CA 1 
ATOM 237 C CA . PRO B 2 168 ? 17.913  -8.575  4.536   1.00 12.91 ? 168 PRO A CA 1 
ATOM 238 C CA . ILE B 2 169 ? 18.699  -5.950  7.227   1.00 11.64 ? 169 ILE A CA 1 
ATOM 239 C CA . VAL B 2 170 ? 20.169  -2.537  6.352   1.00 12.40 ? 170 VAL A CA 1 
ATOM 240 C CA . ARG B 2 171 ? 22.352  -0.849  8.977   1.00 14.57 ? 171 ARG A CA 1 
ATOM 241 C CA . GLY B 2 172 ? 21.208  2.705   8.180   1.00 14.32 ? 172 GLY A CA 1 
ATOM 242 C CA . SER B 2 173 ? 20.637  6.319   9.262   1.00 15.29 ? 173 SER A CA 1 
ATOM 243 C CA . ALA B 2 174 ? 17.478  7.904   7.783   1.00 13.77 ? 174 ALA A CA 1 
ATOM 244 C CA . LEU B 2 175 ? 18.430  11.293  9.290   1.00 17.06 ? 175 LEU A CA 1 
ATOM 245 C CA . LYS B 2 176 ? 21.957  11.568  7.814   1.00 18.55 ? 176 LYS A CA 1 
ATOM 246 C CA . ALA B 2 177 ? 20.651  10.113  4.528   1.00 17.32 ? 177 ALA A CA 1 
ATOM 247 C CA . LEU B 2 178 ? 17.809  12.696  4.395   1.00 16.78 ? 178 LEU A CA 1 
ATOM 248 C CA . GLU B 2 179 ? 20.464  15.355  5.157   1.00 24.43 ? 179 GLU A CA 1 
ATOM 249 C CA . GLY B 2 180 ? 22.274  14.126  1.992   1.00 25.93 ? 180 GLY A CA 1 
ATOM 250 C CA . ASP B 2 181 ? 25.152  12.168  3.581   1.00 24.30 ? 181 ASP A CA 1 
ATOM 251 C CA . ALA B 2 182 ? 26.255  9.866   0.715   1.00 20.34 ? 182 ALA A CA 1 
ATOM 252 C CA . GLU B 2 183 ? 27.560  7.360   3.326   1.00 23.24 ? 183 GLU A CA 1 
ATOM 253 C CA . TRP B 2 184 ? 23.999  6.650   4.505   1.00 18.72 ? 184 TRP A CA 1 
ATOM 254 C CA . GLU B 2 185 ? 22.223  7.466   1.228   1.00 17.81 ? 185 GLU A CA 1 
ATOM 255 C CA . ALA B 2 186 ? 24.193  4.425   -0.032  1.00 15.86 ? 186 ALA A CA 1 
ATOM 256 C CA . LYS B 2 187 ? 22.393  2.343   2.634   1.00 14.74 ? 187 LYS A CA 1 
ATOM 257 C CA . ILE B 2 188 ? 19.035  3.730   1.432   1.00 12.28 ? 188 ILE A CA 1 
ATOM 258 C CA . LEU B 2 189 ? 20.094  2.571   -2.066  1.00 11.85 ? 189 LEU A CA 1 
ATOM 259 C CA . GLU B 2 190 ? 20.923  -0.783  -0.419  1.00 10.88 ? 190 GLU A CA 1 
ATOM 260 C CA . LEU B 2 191 ? 17.376  -0.843  1.057   1.00 13.31 ? 191 LEU A CA 1 
ATOM 261 C CA . ALA B 2 192 ? 15.949  -0.007  -2.386  1.00 13.98 ? 192 ALA A CA 1 
ATOM 262 C CA . GLY B 2 193 ? 18.106  -2.806  -3.883  1.00 13.11 ? 193 GLY A CA 1 
ATOM 263 C CA . PHE B 2 194 ? 16.907  -5.263  -1.207  1.00 10.15 ? 194 PHE A CA 1 
ATOM 264 C CA . LEU B 2 195 ? 13.267  -4.327  -1.925  1.00 12.04 ? 195 LEU A CA 1 
ATOM 265 C CA . ASP B 2 196 ? 13.970  -4.630  -5.674  1.00 14.64 ? 196 ASP A CA 1 
ATOM 266 C CA . SER B 2 197 ? 15.586  -8.091  -5.470  1.00 15.71 ? 197 SER A CA 1 
ATOM 267 C CA . TYR B 2 198 ? 14.185  -9.916  -2.413  1.00 14.83 ? 198 TYR A CA 1 
ATOM 268 C CA . ILE B 2 199 ? 10.513  -10.003 -3.450  1.00 19.91 ? 199 ILE A CA 1 
ATOM 269 C CA . PRO B 2 200 ? 9.429   -12.590 -6.120  1.00 24.33 ? 200 PRO A CA 1 
ATOM 270 C CA . GLU B 2 201 ? 8.667   -11.128 -9.578  1.00 31.11 ? 201 GLU A CA 1 
ATOM 271 C CA . PRO B 2 202 ? 4.938   -11.308 -10.593 1.00 31.38 ? 202 PRO A CA 1 
ATOM 272 C CA . GLU B 2 203 ? 5.228   -12.324 -14.260 1.00 31.95 ? 203 GLU A CA 1 
ATOM 273 C CA . ARG B 2 204 ? 6.586   -10.977 -17.574 1.00 29.73 ? 204 ARG A CA 1 
ATOM 274 C CA . ALA B 2 205 ? 5.249   -7.399  -17.196 1.00 24.23 ? 205 ALA A CA 1 
ATOM 275 C CA . ILE B 2 206 ? 6.096   -6.496  -20.842 1.00 24.23 ? 206 ILE A CA 1 
ATOM 276 C CA . ASP B 2 207 ? 3.363   -8.904  -22.069 1.00 25.35 ? 207 ASP A CA 1 
ATOM 277 C CA . LYS B 2 208 ? 0.542   -7.230  -20.055 1.00 24.24 ? 208 LYS A CA 1 
ATOM 278 C CA . PRO B 2 209 ? -1.427  -3.951  -20.599 1.00 22.31 ? 209 PRO A CA 1 
ATOM 279 C CA . PHE B 2 210 ? -0.057  -0.682  -19.127 1.00 18.41 ? 210 PHE A CA 1 
ATOM 280 C CA . LEU B 2 211 ? -1.066  -0.044  -15.480 1.00 20.19 ? 211 LEU A CA 1 
ATOM 281 C CA . LEU B 2 212 ? -0.142  2.608   -12.842 1.00 15.67 ? 212 LEU A CA 1 
ATOM 282 C CA . PRO B 2 213 ? -1.216  2.473   -9.150  1.00 15.37 ? 213 PRO A CA 1 
ATOM 283 C CA . ILE B 2 214 ? -0.490  6.221   -8.755  1.00 14.75 ? 214 ILE A CA 1 
ATOM 284 C CA . GLU B 2 215 ? 0.164   7.517   -5.271  1.00 19.62 ? 215 GLU A CA 1 
ATOM 285 C CA . ASP B 2 216 ? 0.575   11.302  -4.727  1.00 18.94 ? 216 ASP A CA 1 
ATOM 286 C CA . VAL B 2 217 ? 0.322   14.357  -6.988  1.00 17.73 ? 217 VAL A CA 1 
ATOM 287 C CA . PHE B 2 218 ? 3.104   16.707  -8.137  1.00 24.71 ? 218 PHE A CA 1 
ATOM 288 C CA . SER B 2 219 ? 2.129   19.645  -10.378 1.00 36.57 ? 219 SER A CA 1 
ATOM 289 C CA . ILE B 2 220 ? 5.399   20.949  -11.905 1.00 46.72 ? 220 ILE A CA 1 
ATOM 290 C CA . SER B 2 221 ? 5.811   24.683  -12.756 1.00 56.75 ? 221 SER A CA 1 
ATOM 291 C CA . GLY B 2 222 ? 2.249   25.534  -13.888 1.00 62.52 ? 222 GLY A CA 1 
ATOM 292 C CA . ARG B 2 223 ? -0.254  22.656  -13.535 1.00 63.82 ? 223 ARG A CA 1 
ATOM 293 C CA . GLY B 2 224 ? 1.099   19.584  -15.392 1.00 50.45 ? 224 GLY A CA 1 
ATOM 294 C CA . THR B 2 225 ? 0.979   16.673  -12.932 1.00 34.50 ? 225 THR A CA 1 
ATOM 295 C CA . VAL B 2 226 ? 4.147   14.531  -13.273 1.00 22.86 ? 226 VAL A CA 1 
ATOM 296 C CA . VAL B 2 227 ? 4.242   10.910  -11.956 1.00 17.36 ? 227 VAL A CA 1 
ATOM 297 C CA . THR B 2 228 ? 7.581   11.280  -10.115 1.00 15.33 ? 228 THR A CA 1 
ATOM 298 C CA . GLY B 2 229 ? 7.545   7.550   -9.210  1.00 15.88 ? 229 GLY A CA 1 
ATOM 299 C CA . ARG B 2 230 ? 7.484   4.167   -11.024 1.00 18.56 ? 230 ARG A CA 1 
ATOM 300 C CA . VAL B 2 231 ? 5.091   2.526   -13.542 1.00 18.68 ? 231 VAL A CA 1 
ATOM 301 C CA . GLU B 2 232 ? 3.755   -0.960  -14.425 1.00 21.07 ? 232 GLU A CA 1 
ATOM 302 C CA . ARG B 2 233 ? 3.378   -3.468  -17.293 1.00 22.69 ? 233 ARG A CA 1 
ATOM 303 C CA . GLY B 2 234 ? 3.505   -3.278  -21.109 1.00 16.98 ? 234 GLY A CA 1 
ATOM 304 C CA . ILE B 2 235 ? 5.157   -0.059  -22.407 1.00 18.42 ? 235 ILE A CA 1 
ATOM 305 C CA . ILE B 2 236 ? 4.132   3.626   -22.022 1.00 18.67 ? 236 ILE A CA 1 
ATOM 306 C CA . LYS B 2 237 ? 4.737   6.114   -24.899 1.00 23.79 ? 237 LYS A CA 1 
ATOM 307 C CA . VAL B 2 238 ? 3.933   9.801   -25.454 1.00 23.43 ? 238 VAL A CA 1 
ATOM 308 C CA . GLY B 2 239 ? 0.489   10.125  -27.098 1.00 23.73 ? 239 GLY A CA 1 
ATOM 309 C CA . GLU B 2 240 ? -0.980  6.991   -25.463 1.00 25.14 ? 240 GLU A CA 1 
ATOM 310 C CA . GLU B 2 241 ? -4.300  7.686   -23.696 1.00 24.85 ? 241 GLU A CA 1 
ATOM 311 C CA . VAL B 2 242 ? -4.867  6.222   -20.206 1.00 21.87 ? 242 VAL A CA 1 
ATOM 312 C CA . GLU B 2 243 ? -8.092  5.688   -18.197 1.00 18.39 ? 243 GLU A CA 1 
ATOM 313 C CA . ILE B 2 244 ? -8.249  6.682   -14.495 1.00 17.40 ? 244 ILE A CA 1 
ATOM 314 C CA . VAL B 2 245 ? -10.250 3.683   -13.238 1.00 17.49 ? 245 VAL A CA 1 
ATOM 315 C CA . GLY B 2 246 ? -11.846 3.568   -9.755  1.00 18.06 ? 246 GLY A CA 1 
ATOM 316 C CA . ILE B 2 247 ? -13.945 5.449   -7.126  1.00 19.52 ? 247 ILE A CA 1 
ATOM 317 C CA . LYS B 2 248 ? -16.371 7.240   -9.486  1.00 26.21 ? 248 LYS A CA 1 
ATOM 318 C CA . GLU B 2 249 ? -16.267 8.522   -13.102 1.00 27.08 ? 249 GLU A CA 1 
ATOM 319 C CA . THR B 2 250 ? -13.524 6.670   -15.029 1.00 25.73 ? 250 THR A CA 1 
ATOM 320 C CA . GLN B 2 251 ? -11.642 9.776   -16.220 1.00 29.16 ? 251 GLN A CA 1 
ATOM 321 C CA . LYS B 2 252 ? -9.252  10.003  -19.212 1.00 27.70 ? 252 LYS A CA 1 
ATOM 322 C CA . SER B 2 253 ? -5.698  11.349  -19.534 1.00 24.65 ? 253 SER A CA 1 
ATOM 323 C CA . THR B 2 254 ? -2.577  10.745  -21.699 1.00 24.02 ? 254 THR A CA 1 
ATOM 324 C CA . CYS B 2 255 ? 1.223   10.491  -21.455 1.00 21.21 ? 255 CYS A CA 1 
ATOM 325 C CA . THR B 2 256 ? 2.397   13.933  -22.710 1.00 22.15 ? 256 THR A CA 1 
ATOM 326 C CA . GLY B 2 257 ? 6.157   13.691  -21.939 1.00 20.99 ? 257 GLY A CA 1 
ATOM 327 C CA . VAL B 2 258 ? 8.549   11.324  -20.082 1.00 21.52 ? 258 VAL A CA 1 
ATOM 328 C CA . GLU B 2 259 ? 11.747  12.275  -18.211 1.00 28.03 ? 259 GLU A CA 1 
ATOM 329 C CA . MET B 2 260 ? 14.428  11.061  -15.788 1.00 26.37 ? 260 MET A CA 1 
ATOM 330 C CA . PHE B 2 261 ? 15.011  13.964  -13.331 1.00 26.57 ? 261 PHE A CA 1 
ATOM 331 C CA . ARG B 2 262 ? 16.020  16.418  -16.098 1.00 32.86 ? 262 ARG A CA 1 
ATOM 332 C CA . LYS B 2 263 ? 16.657  14.050  -19.057 1.00 35.37 ? 263 LYS A CA 1 
ATOM 333 C CA . LEU B 2 264 ? 13.522  14.271  -21.259 1.00 35.05 ? 264 LEU A CA 1 
ATOM 334 C CA . LEU B 2 265 ? 12.329  11.065  -23.031 1.00 28.49 ? 265 LEU A CA 1 
ATOM 335 C CA . ASP B 2 266 ? 9.381   9.876   -25.194 1.00 29.53 ? 266 ASP A CA 1 
ATOM 336 C CA . GLU B 2 267 ? 8.755   6.457   -23.593 1.00 24.24 ? 267 GLU A CA 1 
ATOM 337 C CA . GLY B 2 268 ? 9.051   4.007   -20.692 1.00 20.48 ? 268 GLY A CA 1 
ATOM 338 C CA . ARG B 2 269 ? 9.682   0.415   -21.853 1.00 20.85 ? 269 ARG A CA 1 
ATOM 339 C CA . ALA B 2 270 ? 10.003  -2.665  -19.576 1.00 21.38 ? 270 ALA A CA 1 
ATOM 340 C CA . GLY B 2 271 ? 13.009  -0.934  -17.972 1.00 21.67 ? 271 GLY A CA 1 
ATOM 341 C CA . GLU B 2 272 ? 14.139  2.695   -17.396 1.00 21.60 ? 272 GLU A CA 1 
ATOM 342 C CA . ASN B 2 273 ? 12.441  4.758   -14.715 1.00 23.42 ? 273 ASN A CA 1 
ATOM 343 C CA . VAL B 2 274 ? 10.276  7.876   -15.147 1.00 17.44 ? 274 VAL A CA 1 
ATOM 344 C CA . GLY B 2 275 ? 8.663   11.023  -14.293 1.00 18.22 ? 275 GLY A CA 1 
ATOM 345 C CA . VAL B 2 276 ? 5.727   11.322  -16.774 1.00 17.02 ? 276 VAL A CA 1 
ATOM 346 C CA . LEU B 2 277 ? 3.750   14.533  -17.444 1.00 25.33 ? 277 LEU A CA 1 
ATOM 347 C CA . LEU B 2 278 ? 0.047   13.573  -17.657 1.00 29.18 ? 278 LEU A CA 1 
ATOM 348 C CA . ARG B 2 279 ? -2.769  15.279  -19.606 1.00 33.13 ? 279 ARG A CA 1 
ATOM 349 C CA . GLY B 2 280 ? -4.293  17.942  -17.574 1.00 35.07 ? 280 GLY A CA 1 
ATOM 350 C CA . ILE B 2 281 ? -6.956  16.497  -15.227 1.00 34.13 ? 281 ILE A CA 1 
ATOM 351 C CA . LYS B 2 282 ? -7.284  18.687  -12.124 1.00 33.60 ? 282 LYS A CA 1 
ATOM 352 C CA . ARG B 2 283 ? -6.595  17.646  -8.535  1.00 35.66 ? 283 ARG A CA 1 
ATOM 353 C CA . GLU B 2 284 ? -10.156 18.170  -7.222  1.00 33.62 ? 284 GLU A CA 1 
ATOM 354 C CA . GLU B 2 285 ? -11.480 15.497  -9.640  1.00 28.89 ? 285 GLU A CA 1 
ATOM 355 C CA . ILE B 2 286 ? -8.965  12.803  -9.370  1.00 21.49 ? 286 ILE A CA 1 
ATOM 356 C CA . GLU B 2 287 ? -8.678  10.727  -6.125  1.00 22.31 ? 287 GLU A CA 1 
ATOM 357 C CA . ARG B 2 288 ? -6.519  7.866   -4.798  1.00 20.63 ? 288 ARG A CA 1 
ATOM 358 C CA . GLY B 2 289 ? -7.899  4.336   -5.256  1.00 17.99 ? 289 GLY A CA 1 
ATOM 359 C CA . GLN B 2 290 ? -8.159  5.115   -8.979  1.00 15.09 ? 290 GLN A CA 1 
ATOM 360 C CA . VAL B 2 291 ? -5.511  3.262   -11.044 1.00 15.25 ? 291 VAL A CA 1 
ATOM 361 C CA . LEU B 2 292 ? -4.262  4.335   -14.476 1.00 16.71 ? 292 LEU A CA 1 
ATOM 362 C CA . ALA B 2 293 ? -4.958  1.539   -16.967 1.00 18.32 ? 293 ALA A CA 1 
ATOM 363 C CA . LYS B 2 294 ? -4.704  1.020   -20.714 1.00 23.04 ? 294 LYS A CA 1 
ATOM 364 C CA . PRO B 2 295 ? -8.206  2.077   -21.953 1.00 22.88 ? 295 PRO A CA 1 
ATOM 365 C CA . GLY B 2 296 ? -11.018 -0.508  -21.676 1.00 24.04 ? 296 GLY A CA 1 
ATOM 366 C CA . THR B 2 297 ? -9.139  -3.324  -19.880 1.00 21.00 ? 297 THR A CA 1 
ATOM 367 C CA . ILE B 2 298 ? -10.834 -4.016  -16.521 1.00 17.13 ? 298 ILE A CA 1 
ATOM 368 C CA . LYS B 2 299 ? -14.614 -4.750  -16.644 1.00 20.25 ? 299 LYS A CA 1 
ATOM 369 C CA . PRO B 2 300 ? -16.622 -4.477  -13.357 1.00 20.12 ? 300 PRO A CA 1 
ATOM 370 C CA . HIS B 2 301 ? -19.576 -6.503  -11.968 1.00 19.43 ? 301 HIS A CA 1 
ATOM 371 C CA . THR B 2 302 ? -22.315 -5.997  -9.306  1.00 18.04 ? 302 THR A CA 1 
ATOM 372 C CA . LYS B 2 303 ? -23.685 -9.312  -7.904  1.00 19.08 ? 303 LYS A CA 1 
ATOM 373 C CA . PHE B 2 304 ? -20.972 -11.171 -5.947  1.00 15.95 ? 304 PHE A CA 1 
ATOM 374 C CA . GLU B 2 305 ? -19.647 -13.956 -3.721  1.00 22.42 ? 305 GLU A CA 1 
ATOM 375 C CA . SER B 2 306 ? -17.417 -12.885 -0.797  1.00 22.38 ? 306 SER A CA 1 
ATOM 376 C CA . GLU B 2 307 ? -15.251 -14.397 1.928   1.00 24.21 ? 307 GLU A CA 1 
ATOM 377 C CA . VAL B 2 308 ? -16.204 -12.678 5.213   1.00 20.44 ? 308 VAL A CA 1 
ATOM 378 C CA . TYR B 2 309 ? -15.266 -12.673 8.921   1.00 22.17 ? 309 TYR A CA 1 
ATOM 379 C CA . ILE B 2 310 ? -17.757 -11.214 11.410  1.00 21.69 ? 310 ILE A CA 1 
ATOM 380 C CA . LEU B 2 311 ? -15.959 -9.265  14.157  1.00 28.47 ? 311 LEU A CA 1 
ATOM 381 C CA . SER B 2 312 ? -16.691 -11.035 17.476  1.00 37.42 ? 312 SER A CA 1 
ATOM 382 C CA . LYS B 2 313 ? -17.826 -9.361  20.695  1.00 43.61 ? 313 LYS A CA 1 
ATOM 383 C CA . ASP B 2 314 ? -14.181 -9.851  21.778  1.00 46.83 ? 314 ASP A CA 1 
ATOM 384 C CA . GLU B 2 315 ? -13.665 -7.298  18.949  1.00 42.94 ? 315 GLU A CA 1 
ATOM 385 C CA . GLY B 2 316 ? -16.961 -5.632  20.116  1.00 38.90 ? 316 GLY A CA 1 
ATOM 386 C CA . GLY B 2 317 ? -18.182 -5.921  16.485  1.00 36.86 ? 317 GLY A CA 1 
ATOM 387 C CA . ARG B 2 318 ? -21.717 -7.231  16.768  1.00 39.15 ? 318 ARG A CA 1 
ATOM 388 C CA . HIS B 2 319 ? -23.197 -9.083  19.697  1.00 46.64 ? 319 HIS A CA 1 
ATOM 389 C CA . THR B 2 320 ? -26.522 -10.545 18.545  1.00 44.53 ? 320 THR A CA 1 
ATOM 390 C CA . PRO B 2 321 ? -26.537 -13.477 16.063  1.00 41.16 ? 321 PRO A CA 1 
ATOM 391 C CA . PHE B 2 322 ? -27.833 -12.996 12.526  1.00 35.36 ? 322 PHE A CA 1 
ATOM 392 C CA . PHE B 2 323 ? -29.270 -15.326 9.838   1.00 31.55 ? 323 PHE A CA 1 
ATOM 393 C CA . LYS B 2 324 ? -29.509 -15.685 6.029   1.00 33.10 ? 324 LYS A CA 1 
ATOM 394 C CA . GLY B 2 325 ? -32.459 -13.205 6.145   1.00 32.05 ? 325 GLY A CA 1 
ATOM 395 C CA . TYR B 2 326 ? -30.069 -10.473 7.431   1.00 30.51 ? 326 TYR A CA 1 
ATOM 396 C CA . ARG B 2 327 ? -30.124 -7.276  5.313   1.00 28.10 ? 327 ARG A CA 1 
ATOM 397 C CA . PRO B 2 328 ? -27.127 -5.125  6.422   1.00 24.83 ? 328 PRO A CA 1 
ATOM 398 C CA . GLN B 2 329 ? -25.126 -2.327  4.762   1.00 20.54 ? 329 GLN A CA 1 
ATOM 399 C CA . PHE B 2 330 ? -22.209 -3.014  2.396   1.00 16.82 ? 330 PHE A CA 1 
ATOM 400 C CA . TYR B 2 331 ? -19.371 -0.477  2.083   1.00 14.17 ? 331 TYR A CA 1 
ATOM 401 C CA . PHE B 2 332 ? -17.651 -0.010  -1.290  1.00 13.49 ? 332 PHE A CA 1 
ATOM 402 C CA . ARG B 2 333 ? -14.718 2.460   -1.571  1.00 16.27 ? 333 ARG A CA 1 
ATOM 403 C CA . THR B 2 334 ? -16.431 5.709   -0.533  1.00 20.01 ? 334 THR A CA 1 
ATOM 404 C CA . THR B 2 335 ? -20.055 4.883   0.474   1.00 19.91 ? 335 THR A CA 1 
ATOM 405 C CA . ASP B 2 336 ? -22.593 2.258   1.637   1.00 17.72 ? 336 ASP A CA 1 
ATOM 406 C CA . VAL B 2 337 ? -25.513 0.424   0.018   1.00 15.92 ? 337 VAL A CA 1 
ATOM 407 C CA . THR B 2 338 ? -28.020 -1.900  1.771   1.00 15.31 ? 338 THR A CA 1 
ATOM 408 C CA . GLY B 2 339 ? -28.079 -5.498  0.499   1.00 18.44 ? 339 GLY A CA 1 
ATOM 409 C CA . THR B 2 340 ? -29.653 -8.943  0.704   1.00 23.48 ? 340 THR A CA 1 
ATOM 410 C CA . ILE B 2 341 ? -27.572 -12.127 1.161   1.00 25.57 ? 341 ILE A CA 1 
ATOM 411 C CA . GLU B 2 342 ? -27.547 -15.874 0.570   1.00 31.57 ? 342 GLU A CA 1 
ATOM 412 C CA . LEU B 2 343 ? -25.495 -18.303 2.714   1.00 35.10 ? 343 LEU A CA 1 
ATOM 413 C CA . PRO B 2 344 ? -24.566 -21.981 2.064   1.00 41.38 ? 344 PRO A CA 1 
ATOM 414 C CA . GLU B 2 345 ? -26.277 -25.087 3.501   1.00 52.47 ? 345 GLU A CA 1 
ATOM 415 C CA . GLY B 2 346 ? -25.549 -25.238 7.263   1.00 53.76 ? 346 GLY A CA 1 
ATOM 416 C CA . VAL B 2 347 ? -24.757 -21.517 7.566   1.00 50.95 ? 347 VAL A CA 1 
ATOM 417 C CA . GLU B 2 348 ? -28.413 -20.553 8.138   1.00 47.92 ? 348 GLU A CA 1 
ATOM 418 C CA . MET B 2 349 ? -27.411 -18.735 11.358  1.00 42.06 ? 349 MET A CA 1 
ATOM 419 C CA . VAL B 2 350 ? -24.201 -16.695 11.818  1.00 33.32 ? 350 VAL A CA 1 
ATOM 420 C CA . MET B 2 351 ? -22.486 -15.711 15.103  1.00 34.42 ? 351 MET A CA 1 
ATOM 421 C CA . PRO B 2 352 ? -20.036 -12.835 15.787  1.00 32.36 ? 352 PRO A CA 1 
ATOM 422 C CA . GLY B 2 353 ? -16.571 -14.408 15.301  1.00 30.57 ? 353 GLY A CA 1 
ATOM 423 C CA . ASP B 2 354 ? -17.668 -16.684 12.430  1.00 30.22 ? 354 ASP A CA 1 
ATOM 424 C CA . ASN B 2 355 ? -15.721 -16.721 9.143   1.00 26.94 ? 355 ASN A CA 1 
ATOM 425 C CA . ILE B 2 356 ? -17.865 -17.855 6.186   1.00 28.73 ? 356 ILE A CA 1 
ATOM 426 C CA . LYS B 2 357 ? -18.672 -17.488 2.500   1.00 29.49 ? 357 LYS A CA 1 
ATOM 427 C CA . MET B 2 358 ? -21.438 -14.933 1.813   1.00 26.07 ? 358 MET A CA 1 
ATOM 428 C CA . VAL B 2 359 ? -23.266 -14.327 -1.494  1.00 19.26 ? 359 VAL A CA 1 
ATOM 429 C CA . VAL B 2 360 ? -24.604 -10.745 -1.717  1.00 16.47 ? 360 VAL A CA 1 
ATOM 430 C CA . THR B 2 361 ? -27.121 -8.776  -3.824  1.00 17.09 ? 361 THR A CA 1 
ATOM 431 C CA . LEU B 2 362 ? -27.254 -4.998  -3.156  1.00 15.75 ? 362 LEU A CA 1 
ATOM 432 C CA . ILE B 2 363 ? -30.534 -3.039  -3.464  1.00 16.86 ? 363 ILE A CA 1 
ATOM 433 C CA . HIS B 2 364 ? -28.739 -0.507  -5.745  1.00 14.26 ? 364 HIS A CA 1 
ATOM 434 C CA . PRO B 2 365 ? -25.937 -1.395  -8.227  1.00 18.95 ? 365 PRO A CA 1 
ATOM 435 C CA . ILE B 2 366 ? -22.194 -0.796  -7.657  1.00 15.42 ? 366 ILE A CA 1 
ATOM 436 C CA . ALA B 2 367 ? -19.192 -1.461  -9.947  1.00 16.46 ? 367 ALA A CA 1 
ATOM 437 C CA . MET B 2 368 ? -16.878 -4.008  -8.221  1.00 18.25 ? 368 MET A CA 1 
ATOM 438 C CA . ASP B 2 369 ? -14.360 -6.811  -8.981  1.00 23.75 ? 369 ASP A CA 1 
ATOM 439 C CA . ASP B 2 370 ? -12.544 -9.717  -7.238  1.00 23.99 ? 370 ASP A CA 1 
ATOM 440 C CA . GLY B 2 371 ? -10.055 -8.805  -4.481  1.00 19.68 ? 371 GLY A CA 1 
ATOM 441 C CA . LEU B 2 372 ? -11.955 -5.602  -3.600  1.00 17.06 ? 372 LEU A CA 1 
ATOM 442 C CA . ARG B 2 373 ? -11.898 -5.221  0.217   1.00 17.03 ? 373 ARG A CA 1 
ATOM 443 C CA . PHE B 2 374 ? -15.543 -4.235  0.656   1.00 15.92 ? 374 PHE A CA 1 
ATOM 444 C CA . ALA B 2 375 ? -17.011 -4.604  4.180   1.00 16.36 ? 375 ALA A CA 1 
ATOM 445 C CA . ILE B 2 376 ? -20.277 -5.476  5.974   1.00 18.48 ? 376 ILE A CA 1 
ATOM 446 C CA . ARG B 2 377 ? -21.608 -2.517  7.987   1.00 23.04 ? 377 ARG A CA 1 
ATOM 447 C CA . GLU B 2 378 ? -24.641 -1.620  10.112  1.00 34.98 ? 378 GLU A CA 1 
ATOM 448 C CA . GLY B 2 379 ? -26.030 1.941   9.954   1.00 39.20 ? 379 GLY A CA 1 
ATOM 449 C CA . GLY B 2 380 ? -22.590 3.428   9.260   1.00 37.79 ? 380 GLY A CA 1 
ATOM 450 C CA . ARG B 2 381 ? -19.905 1.464   11.157  1.00 36.90 ? 381 ARG A CA 1 
ATOM 451 C CA . THR B 2 382 ? -18.108 -1.734  10.131  1.00 30.06 ? 382 THR A CA 1 
ATOM 452 C CA . VAL B 2 383 ? -18.753 -5.254  11.528  1.00 23.47 ? 383 VAL A CA 1 
ATOM 453 C CA . GLY B 2 384 ? -17.663 -7.635  8.705   1.00 19.17 ? 384 GLY A CA 1 
ATOM 454 C CA . ALA B 2 385 ? -14.043 -7.992  7.676   1.00 20.41 ? 385 ALA A CA 1 
ATOM 455 C CA . GLY B 2 386 ? -13.921 -9.627  4.209   1.00 18.38 ? 386 GLY A CA 1 
ATOM 456 C CA . VAL B 2 387 ? -13.187 -9.386  0.481   1.00 15.89 ? 387 VAL A CA 1 
ATOM 457 C CA . VAL B 2 388 ? -15.004 -9.914  -2.844  1.00 12.59 ? 388 VAL A CA 1 
ATOM 458 C CA . ALA B 2 389 ? -14.023 -13.504 -3.736  1.00 15.75 ? 389 ALA A CA 1 
ATOM 459 C CA . LYS B 2 390 ? -15.853 -14.058 -7.025  1.00 22.77 ? 390 LYS A CA 1 
ATOM 460 C CA . VAL B 2 391 ? -18.105 -11.575 -8.819  1.00 24.80 ? 391 VAL A CA 1 
ATOM 461 C CA . LEU B 2 392 ? -21.136 -13.164 -10.527 1.00 27.90 ? 392 LEU A CA 1 
ATOM 462 C CA . SER B 2 393 ? -23.090 -10.539 -12.524 1.00 31.22 ? 393 SER A CA 1 
# 
